data_3B7P
#
_entry.id   3B7P
#
_cell.length_a   199.483
_cell.length_b   134.584
_cell.length_c   48.370
_cell.angle_alpha   90.00
_cell.angle_beta   96.36
_cell.angle_gamma   90.00
#
_symmetry.space_group_name_H-M   'C 1 2 1'
#
loop_
_entity.id
_entity.type
_entity.pdbx_description
1 polymer 'Spermidine synthase'
2 non-polymer SPERMINE
3 non-polymer "5'-DEOXY-5'-METHYLTHIOADENOSINE"
4 water water
#
_entity_poly.entity_id   1
_entity_poly.type   'polypeptide(L)'
_entity_poly.pdbx_seq_one_letter_code
;GSKKWFSEFSIMWPGQAFSLKIKKILYETKSKYQNVLVFESTTYGKVLVLDGVIQLTEKDEFAYHEMMTHVPMTVSKEPK
NVLVVGGGDGGIIRELCKYKSVENIDICEIDETVIEVSKIYFKNISCGYEDKRVNVFIEDASKFLENVTNTYDVIIVDSS
DPIGPAETLFNQNFYEKIYNALKPNGYCVAQCESLWIHVGTIKNMIGYAKKLFKKVEYANISIPTYPCGCIGILCCSKTD
TGLTKPNKKLESKEFADLKYYNYENHSAAFKLPAFLLKEIENI
;
_entity_poly.pdbx_strand_id   A,B,C
#
loop_
_chem_comp.id
_chem_comp.type
_chem_comp.name
_chem_comp.formula
MTA non-polymer 5'-DEOXY-5'-METHYLTHIOADENOSINE 'C11 H15 N5 O3 S'
SPM non-polymer SPERMINE 'C10 H26 N4'
#
# COMPACT_ATOMS: atom_id res chain seq x y z
N LYS A 3 18.44 -26.67 -9.91
CA LYS A 3 17.56 -26.39 -8.73
C LYS A 3 18.38 -26.35 -7.44
N LYS A 4 17.91 -25.59 -6.46
CA LYS A 4 18.57 -25.49 -5.16
C LYS A 4 17.95 -26.46 -4.16
N TRP A 5 18.60 -26.58 -3.01
CA TRP A 5 18.22 -27.49 -1.95
C TRP A 5 18.06 -26.70 -0.65
N PHE A 6 17.03 -27.01 0.12
CA PHE A 6 16.92 -26.48 1.47
C PHE A 6 17.52 -27.49 2.44
N SER A 7 18.29 -27.00 3.42
CA SER A 7 18.95 -27.87 4.40
C SER A 7 18.64 -27.47 5.83
N GLU A 8 18.31 -28.49 6.64
CA GLU A 8 17.96 -28.31 8.05
C GLU A 8 19.13 -28.62 8.97
N PHE A 9 19.91 -27.59 9.26
CA PHE A 9 21.02 -27.66 10.20
C PHE A 9 20.52 -27.08 11.51
N SER A 10 20.99 -27.61 12.63
CA SER A 10 20.65 -27.04 13.93
C SER A 10 21.60 -27.54 15.01
N ILE A 11 21.86 -26.68 15.98
CA ILE A 11 22.60 -27.07 17.20
C ILE A 11 21.81 -28.08 18.04
N MET A 12 20.52 -28.22 17.71
CA MET A 12 19.66 -29.14 18.44
C MET A 12 19.87 -30.58 17.96
N TRP A 13 20.39 -30.72 16.75
CA TRP A 13 20.87 -32.01 16.22
C TRP A 13 22.18 -31.84 15.44
N PRO A 14 23.28 -31.58 16.16
CA PRO A 14 24.55 -31.27 15.49
C PRO A 14 25.11 -32.47 14.71
N GLY A 15 25.83 -32.18 13.64
CA GLY A 15 26.51 -33.22 12.89
C GLY A 15 25.63 -33.97 11.92
N GLN A 16 24.35 -33.61 11.86
CA GLN A 16 23.44 -34.22 10.88
C GLN A 16 22.60 -33.13 10.25
N ALA A 17 22.05 -33.43 9.09
CA ALA A 17 21.25 -32.48 8.33
C ALA A 17 20.38 -33.25 7.35
N PHE A 18 19.14 -32.79 7.19
CA PHE A 18 18.22 -33.32 6.18
C PHE A 18 17.93 -32.22 5.18
N SER A 19 17.87 -32.59 3.90
CA SER A 19 17.70 -31.62 2.81
C SER A 19 16.60 -32.03 1.86
N LEU A 20 15.90 -31.04 1.34
CA LEU A 20 14.88 -31.24 0.33
C LEU A 20 15.20 -30.33 -0.85
N LYS A 21 15.12 -30.88 -2.04
CA LYS A 21 15.28 -30.10 -3.24
C LYS A 21 14.11 -29.10 -3.34
N ILE A 22 14.43 -27.86 -3.71
CA ILE A 22 13.43 -26.80 -3.88
C ILE A 22 12.96 -26.71 -5.33
N LYS A 23 11.66 -26.92 -5.57
CA LYS A 23 11.05 -26.57 -6.86
C LYS A 23 10.92 -25.04 -6.99
N LYS A 24 10.25 -24.39 -6.03
CA LYS A 24 10.30 -22.93 -5.91
C LYS A 24 10.02 -22.39 -4.51
N ILE A 25 10.67 -21.28 -4.17
CA ILE A 25 10.37 -20.56 -2.92
C ILE A 25 9.07 -19.80 -3.11
N LEU A 26 8.14 -19.97 -2.17
CA LEU A 26 6.82 -19.37 -2.27
C LEU A 26 6.65 -18.10 -1.44
N TYR A 27 7.28 -18.04 -0.27
CA TYR A 27 7.14 -16.90 0.63
C TYR A 27 8.20 -16.95 1.71
N GLU A 28 8.75 -15.78 2.05
CA GLU A 28 9.64 -15.64 3.22
C GLU A 28 9.34 -14.33 3.93
N THR A 29 9.51 -14.31 5.25
CA THR A 29 9.35 -13.12 6.06
C THR A 29 9.99 -13.30 7.43
N LYS A 30 10.32 -12.19 8.09
CA LYS A 30 10.62 -12.17 9.51
C LYS A 30 9.38 -11.61 10.21
N SER A 31 8.70 -12.45 11.00
CA SER A 31 7.51 -12.02 11.73
C SER A 31 7.96 -11.46 13.07
N LYS A 32 7.00 -11.16 13.93
CA LYS A 32 7.31 -10.61 15.25
C LYS A 32 8.20 -11.56 16.06
N TYR A 33 8.14 -12.86 15.72
CA TYR A 33 8.75 -13.91 16.55
C TYR A 33 9.77 -14.78 15.82
N GLN A 34 9.59 -15.02 14.53
CA GLN A 34 10.45 -16.00 13.85
C GLN A 34 10.58 -15.77 12.34
N ASN A 35 11.56 -16.43 11.73
CA ASN A 35 11.71 -16.39 10.29
C ASN A 35 10.84 -17.46 9.63
N VAL A 36 10.04 -17.04 8.67
CA VAL A 36 9.07 -17.93 8.03
C VAL A 36 9.54 -18.21 6.61
N LEU A 37 9.56 -19.49 6.23
CA LEU A 37 9.88 -19.91 4.86
C LEU A 37 8.85 -20.92 4.38
N VAL A 38 8.27 -20.66 3.22
CA VAL A 38 7.40 -21.61 2.54
C VAL A 38 8.02 -21.85 1.16
N PHE A 39 8.19 -23.12 0.81
CA PHE A 39 8.67 -23.45 -0.50
C PHE A 39 7.99 -24.71 -1.00
N GLU A 40 7.92 -24.85 -2.32
CA GLU A 40 7.47 -26.11 -2.88
CA GLU A 40 7.47 -26.10 -2.93
C GLU A 40 8.69 -27.01 -3.06
N SER A 41 8.64 -28.19 -2.47
CA SER A 41 9.74 -29.13 -2.66
C SER A 41 9.45 -29.93 -3.92
N THR A 42 10.46 -30.59 -4.46
CA THR A 42 10.28 -31.41 -5.66
C THR A 42 9.52 -32.72 -5.37
N THR A 43 9.69 -33.28 -4.18
CA THR A 43 9.06 -34.59 -3.90
C THR A 43 8.17 -34.68 -2.66
N TYR A 44 8.24 -33.70 -1.77
CA TYR A 44 7.45 -33.73 -0.54
C TYR A 44 6.31 -32.70 -0.51
N GLY A 45 6.08 -32.05 -1.65
CA GLY A 45 5.06 -31.00 -1.75
C GLY A 45 5.51 -29.72 -1.08
N LYS A 46 4.56 -28.94 -0.57
CA LYS A 46 4.88 -27.66 0.05
C LYS A 46 5.40 -27.91 1.46
N VAL A 47 6.35 -27.07 1.87
CA VAL A 47 7.05 -27.26 3.13
C VAL A 47 7.02 -25.93 3.92
N LEU A 48 6.67 -26.00 5.20
CA LEU A 48 6.71 -24.84 6.05
C LEU A 48 7.91 -24.94 6.98
N VAL A 49 8.68 -23.85 7.04
CA VAL A 49 9.90 -23.76 7.84
C VAL A 49 9.82 -22.57 8.78
N LEU A 50 10.23 -22.77 10.04
CA LEU A 50 10.26 -21.70 11.02
C LEU A 50 11.61 -21.74 11.72
N ASP A 51 12.34 -20.63 11.62
CA ASP A 51 13.71 -20.50 12.16
C ASP A 51 14.65 -21.60 11.63
N GLY A 52 14.48 -21.95 10.35
CA GLY A 52 15.30 -22.97 9.69
C GLY A 52 14.92 -24.42 10.00
N VAL A 53 13.84 -24.60 10.75
CA VAL A 53 13.37 -25.94 11.15
C VAL A 53 12.08 -26.31 10.40
N ILE A 54 12.09 -27.48 9.77
CA ILE A 54 10.91 -27.97 9.07
C ILE A 54 9.78 -28.21 10.07
N GLN A 55 8.62 -27.64 9.79
CA GLN A 55 7.43 -27.79 10.65
C GLN A 55 6.49 -28.81 10.05
N LEU A 56 6.34 -28.78 8.74
CA LEU A 56 5.54 -29.79 8.10
C LEU A 56 5.86 -29.84 6.62
N THR A 57 5.44 -30.93 5.98
CA THR A 57 5.41 -31.02 4.54
C THR A 57 4.08 -31.67 4.19
N GLU A 58 3.58 -31.42 2.99
CA GLU A 58 2.31 -32.00 2.58
C GLU A 58 2.33 -33.54 2.51
N LYS A 59 3.49 -34.11 2.22
CA LYS A 59 3.61 -35.56 2.01
C LYS A 59 3.43 -36.37 3.29
N ASP A 60 3.90 -35.84 4.41
CA ASP A 60 3.93 -36.64 5.62
C ASP A 60 3.29 -36.04 6.88
N GLU A 61 2.78 -34.80 6.80
CA GLU A 61 2.21 -34.13 7.99
C GLU A 61 1.10 -34.93 8.65
N PHE A 62 0.34 -35.70 7.85
CA PHE A 62 -0.76 -36.49 8.36
C PHE A 62 -0.34 -37.45 9.47
N ALA A 63 0.90 -37.94 9.38
CA ALA A 63 1.43 -38.91 10.34
C ALA A 63 1.45 -38.25 11.69
N TYR A 64 1.98 -37.03 11.73
CA TYR A 64 2.13 -36.28 12.96
C TYR A 64 0.80 -35.74 13.51
N HIS A 65 -0.05 -35.19 12.63
CA HIS A 65 -1.26 -34.56 13.09
C HIS A 65 -2.29 -35.60 13.56
N GLU A 66 -2.39 -36.73 12.83
CA GLU A 66 -3.28 -37.82 13.22
C GLU A 66 -2.93 -38.48 14.55
N MET A 67 -1.65 -38.67 14.84
CA MET A 67 -1.26 -39.34 16.09
C MET A 67 -1.37 -38.42 17.30
N MET A 68 -0.96 -37.17 17.11
CA MET A 68 -1.07 -36.16 18.17
C MET A 68 -2.51 -35.90 18.58
N THR A 69 -3.43 -35.98 17.62
CA THR A 69 -4.84 -35.72 17.86
C THR A 69 -5.60 -36.97 18.31
N HIS A 70 -5.62 -38.00 17.46
CA HIS A 70 -6.44 -39.19 17.68
C HIS A 70 -6.00 -40.10 18.81
N VAL A 71 -4.79 -39.91 19.32
CA VAL A 71 -4.37 -40.63 20.50
C VAL A 71 -5.19 -40.16 21.72
N PRO A 72 -5.08 -38.87 22.12
CA PRO A 72 -5.92 -38.39 23.26
C PRO A 72 -7.43 -38.38 22.99
N MET A 73 -7.83 -38.15 21.75
CA MET A 73 -9.25 -38.01 21.43
C MET A 73 -10.00 -39.34 21.38
N THR A 74 -9.28 -40.45 21.21
CA THR A 74 -9.92 -41.77 21.28
C THR A 74 -9.90 -42.32 22.70
N VAL A 75 -9.14 -41.68 23.58
CA VAL A 75 -9.05 -42.10 24.98
C VAL A 75 -10.03 -41.28 25.84
N SER A 76 -10.09 -39.97 25.59
CA SER A 76 -11.13 -39.11 26.17
C SER A 76 -12.49 -39.57 25.68
N LYS A 77 -13.41 -39.83 26.60
CA LYS A 77 -14.67 -40.50 26.22
C LYS A 77 -15.68 -39.59 25.49
N GLU A 78 -15.97 -38.43 26.06
CA GLU A 78 -16.81 -37.44 25.38
CA GLU A 78 -16.84 -37.43 25.44
C GLU A 78 -16.18 -36.05 25.51
N PRO A 79 -15.06 -35.83 24.74
CA PRO A 79 -14.37 -34.52 24.83
C PRO A 79 -15.19 -33.42 24.17
N LYS A 80 -15.40 -32.34 24.90
CA LYS A 80 -16.28 -31.25 24.47
C LYS A 80 -15.50 -29.99 24.13
N ASN A 81 -14.53 -29.67 24.98
CA ASN A 81 -13.70 -28.49 24.82
C ASN A 81 -12.22 -28.86 24.72
N VAL A 82 -11.63 -28.63 23.56
CA VAL A 82 -10.22 -28.93 23.31
C VAL A 82 -9.39 -27.66 23.06
N LEU A 83 -8.22 -27.58 23.69
CA LEU A 83 -7.23 -26.53 23.41
C LEU A 83 -6.06 -27.07 22.60
N VAL A 84 -5.71 -26.36 21.52
CA VAL A 84 -4.45 -26.57 20.80
C VAL A 84 -3.46 -25.45 21.17
N VAL A 85 -2.31 -25.82 21.75
CA VAL A 85 -1.25 -24.84 22.00
C VAL A 85 -0.27 -24.85 20.84
N GLY A 86 0.07 -23.65 20.34
CA GLY A 86 0.82 -23.52 19.09
C GLY A 86 -0.06 -23.95 17.93
N GLY A 87 0.48 -24.82 17.08
CA GLY A 87 -0.31 -25.43 16.01
C GLY A 87 -0.92 -24.53 14.96
N GLY A 88 -0.27 -23.40 14.68
CA GLY A 88 -0.77 -22.35 13.78
C GLY A 88 -1.14 -22.80 12.39
N ASP A 89 -0.52 -23.87 11.92
CA ASP A 89 -0.82 -24.42 10.57
C ASP A 89 -2.24 -24.99 10.43
N GLY A 90 -2.81 -25.42 11.55
CA GLY A 90 -4.20 -25.91 11.60
C GLY A 90 -4.35 -27.41 11.40
N GLY A 91 -3.22 -28.13 11.33
CA GLY A 91 -3.23 -29.59 11.16
C GLY A 91 -3.97 -30.34 12.26
N ILE A 92 -3.70 -30.00 13.52
CA ILE A 92 -4.41 -30.56 14.67
C ILE A 92 -5.91 -30.22 14.65
N ILE A 93 -6.23 -28.95 14.40
CA ILE A 93 -7.61 -28.49 14.25
C ILE A 93 -8.32 -29.30 13.18
N ARG A 94 -7.67 -29.48 12.04
CA ARG A 94 -8.24 -30.30 10.95
C ARG A 94 -8.70 -31.68 11.46
N GLU A 95 -7.89 -32.29 12.32
CA GLU A 95 -8.22 -33.63 12.86
C GLU A 95 -9.26 -33.56 13.96
N LEU A 96 -9.17 -32.51 14.78
CA LEU A 96 -10.15 -32.28 15.85
C LEU A 96 -11.57 -32.07 15.34
N CYS A 97 -11.69 -31.40 14.19
CA CYS A 97 -13.00 -31.07 13.61
C CYS A 97 -13.79 -32.29 13.16
N LYS A 98 -13.09 -33.40 12.95
CA LYS A 98 -13.71 -34.65 12.48
C LYS A 98 -14.64 -35.28 13.53
N TYR A 99 -14.42 -34.91 14.80
CA TYR A 99 -15.25 -35.31 15.91
C TYR A 99 -16.47 -34.37 16.05
N LYS A 100 -17.64 -34.89 15.69
CA LYS A 100 -18.91 -34.15 15.73
C LYS A 100 -19.32 -33.70 17.14
N SER A 101 -18.86 -34.43 18.14
CA SER A 101 -19.15 -34.18 19.56
C SER A 101 -18.34 -33.05 20.21
N VAL A 102 -17.26 -32.63 19.56
CA VAL A 102 -16.49 -31.51 20.05
C VAL A 102 -17.37 -30.27 19.94
N GLU A 103 -17.45 -29.49 21.01
CA GLU A 103 -18.25 -28.25 21.02
C GLU A 103 -17.43 -26.98 20.78
N ASN A 104 -16.22 -26.97 21.33
CA ASN A 104 -15.30 -25.84 21.21
C ASN A 104 -13.86 -26.30 20.92
N ILE A 105 -13.16 -25.57 20.06
CA ILE A 105 -11.72 -25.77 19.87
C ILE A 105 -11.05 -24.41 19.96
N ASP A 106 -10.33 -24.18 21.05
CA ASP A 106 -9.48 -23.01 21.20
C ASP A 106 -8.08 -23.36 20.67
N ILE A 107 -7.47 -22.40 20.01
CA ILE A 107 -6.07 -22.49 19.60
C ILE A 107 -5.37 -21.24 20.06
N CYS A 108 -4.39 -21.40 20.93
CA CYS A 108 -3.51 -20.32 21.32
C CYS A 108 -2.17 -20.43 20.57
N GLU A 109 -1.99 -19.57 19.57
CA GLU A 109 -0.82 -19.51 18.70
C GLU A 109 -0.20 -18.13 18.84
N ILE A 110 1.09 -18.07 19.19
CA ILE A 110 1.78 -16.79 19.41
C ILE A 110 1.94 -15.94 18.12
N ASP A 111 2.02 -16.60 16.97
CA ASP A 111 2.44 -15.96 15.73
C ASP A 111 1.34 -16.01 14.67
N GLU A 112 0.56 -14.93 14.56
CA GLU A 112 -0.55 -14.89 13.62
C GLU A 112 -0.10 -15.05 12.16
N THR A 113 1.14 -14.64 11.87
CA THR A 113 1.72 -14.84 10.54
C THR A 113 1.66 -16.31 10.13
N VAL A 114 1.99 -17.21 11.05
CA VAL A 114 1.93 -18.65 10.77
C VAL A 114 0.51 -19.05 10.32
N ILE A 115 -0.49 -18.61 11.07
CA ILE A 115 -1.88 -18.90 10.74
C ILE A 115 -2.27 -18.39 9.36
N GLU A 116 -1.96 -17.11 9.09
CA GLU A 116 -2.35 -16.55 7.81
CA GLU A 116 -2.29 -16.47 7.83
C GLU A 116 -1.56 -17.16 6.66
N VAL A 117 -0.28 -17.43 6.86
CA VAL A 117 0.54 -18.11 5.86
C VAL A 117 -0.06 -19.48 5.51
N SER A 118 -0.48 -20.22 6.53
CA SER A 118 -1.09 -21.52 6.32
C SER A 118 -2.41 -21.43 5.57
N LYS A 119 -3.22 -20.41 5.87
CA LYS A 119 -4.49 -20.20 5.17
C LYS A 119 -4.28 -19.94 3.68
N ILE A 120 -3.17 -19.30 3.36
CA ILE A 120 -2.86 -18.92 1.99
C ILE A 120 -2.18 -20.07 1.22
N TYR A 121 -1.15 -20.66 1.83
CA TYR A 121 -0.30 -21.62 1.12
C TYR A 121 -0.59 -23.10 1.42
N PHE A 122 -1.30 -23.36 2.51
CA PHE A 122 -1.60 -24.74 2.90
C PHE A 122 -3.10 -24.92 3.13
N LYS A 123 -3.89 -24.76 2.08
CA LYS A 123 -5.36 -24.71 2.22
C LYS A 123 -6.00 -26.03 2.67
N ASN A 124 -5.35 -27.15 2.35
CA ASN A 124 -5.83 -28.48 2.74
C ASN A 124 -5.41 -28.88 4.16
N ILE A 125 -4.61 -28.03 4.79
CA ILE A 125 -4.16 -28.25 6.17
C ILE A 125 -4.89 -27.29 7.12
N SER A 126 -5.11 -26.06 6.65
CA SER A 126 -5.70 -24.98 7.46
C SER A 126 -7.24 -24.85 7.31
N CYS A 127 -7.83 -25.77 6.55
CA CYS A 127 -9.28 -25.79 6.27
C CYS A 127 -10.19 -25.77 7.51
N GLY A 128 -9.67 -26.22 8.64
CA GLY A 128 -10.44 -26.31 9.90
C GLY A 128 -10.66 -24.97 10.58
N TYR A 129 -10.02 -23.91 10.07
CA TYR A 129 -10.24 -22.56 10.56
C TYR A 129 -11.62 -22.05 10.14
N GLU A 130 -12.17 -22.63 9.07
CA GLU A 130 -13.53 -22.33 8.63
C GLU A 130 -14.62 -22.92 9.52
N ASP A 131 -14.24 -23.74 10.50
CA ASP A 131 -15.19 -24.37 11.42
C ASP A 131 -15.61 -23.42 12.55
N LYS A 132 -16.93 -23.30 12.74
CA LYS A 132 -17.51 -22.35 13.69
C LYS A 132 -17.18 -22.63 15.16
N ARG A 133 -16.66 -23.82 15.44
CA ARG A 133 -16.27 -24.19 16.79
C ARG A 133 -14.86 -23.70 17.16
N VAL A 134 -14.09 -23.31 16.15
CA VAL A 134 -12.69 -22.93 16.35
C VAL A 134 -12.56 -21.46 16.74
N ASN A 135 -11.88 -21.21 17.86
CA ASN A 135 -11.60 -19.87 18.33
C ASN A 135 -10.11 -19.62 18.54
N VAL A 136 -9.62 -18.56 17.90
CA VAL A 136 -8.20 -18.26 17.82
C VAL A 136 -7.79 -17.17 18.81
N PHE A 137 -6.73 -17.44 19.55
CA PHE A 137 -6.10 -16.47 20.43
C PHE A 137 -4.66 -16.32 19.98
N ILE A 138 -4.27 -15.09 19.68
CA ILE A 138 -2.89 -14.79 19.33
C ILE A 138 -2.25 -14.34 20.61
N GLU A 139 -1.45 -15.22 21.21
CA GLU A 139 -0.95 -15.05 22.56
C GLU A 139 0.11 -16.10 22.84
N ASP A 140 1.05 -15.77 23.72
CA ASP A 140 1.98 -16.73 24.28
C ASP A 140 1.18 -17.68 25.17
N ALA A 141 1.18 -18.98 24.84
CA ALA A 141 0.42 -19.98 25.60
C ALA A 141 0.82 -20.01 27.07
N SER A 142 2.06 -19.60 27.36
CA SER A 142 2.52 -19.41 28.73
C SER A 142 1.66 -18.41 29.52
N LYS A 143 1.24 -17.32 28.87
CA LYS A 143 0.35 -16.32 29.49
C LYS A 143 -1.13 -16.73 29.38
N PHE A 144 -1.52 -17.24 28.21
CA PHE A 144 -2.86 -17.74 27.98
C PHE A 144 -3.29 -18.73 29.06
N LEU A 145 -2.42 -19.66 29.43
CA LEU A 145 -2.76 -20.71 30.39
C LEU A 145 -2.88 -20.20 31.83
N GLU A 146 -2.18 -19.12 32.14
CA GLU A 146 -2.36 -18.46 33.42
CA GLU A 146 -2.34 -18.39 33.41
C GLU A 146 -3.73 -17.76 33.46
N ASN A 147 -4.16 -17.20 32.33
CA ASN A 147 -5.38 -16.37 32.26
C ASN A 147 -6.70 -17.05 31.98
N VAL A 148 -6.65 -18.24 31.39
CA VAL A 148 -7.85 -18.90 30.92
C VAL A 148 -8.72 -19.32 32.11
N THR A 149 -10.03 -19.07 31.99
CA THR A 149 -11.00 -19.41 33.03
C THR A 149 -11.59 -20.80 32.81
N ASN A 150 -11.73 -21.21 31.54
CA ASN A 150 -12.20 -22.54 31.17
C ASN A 150 -11.18 -23.62 31.50
N THR A 151 -11.66 -24.86 31.67
CA THR A 151 -10.79 -26.03 31.74
C THR A 151 -11.10 -26.92 30.55
N TYR A 152 -10.12 -27.73 30.14
CA TYR A 152 -10.24 -28.52 28.93
C TYR A 152 -10.21 -30.02 29.20
N ASP A 153 -10.91 -30.75 28.33
CA ASP A 153 -10.88 -32.21 28.30
C ASP A 153 -9.55 -32.70 27.75
N VAL A 154 -9.16 -32.16 26.59
CA VAL A 154 -7.86 -32.46 25.97
C VAL A 154 -7.09 -31.16 25.76
N ILE A 155 -5.80 -31.17 26.06
CA ILE A 155 -4.87 -30.14 25.59
C ILE A 155 -3.77 -30.76 24.71
N ILE A 156 -3.68 -30.31 23.46
CA ILE A 156 -2.66 -30.76 22.52
C ILE A 156 -1.61 -29.65 22.37
N VAL A 157 -0.40 -29.89 22.85
CA VAL A 157 0.70 -28.92 22.71
C VAL A 157 1.49 -29.19 21.43
N ASP A 158 1.11 -28.50 20.34
CA ASP A 158 1.73 -28.64 19.03
C ASP A 158 2.70 -27.49 18.79
N SER A 159 3.80 -27.50 19.55
CA SER A 159 4.77 -26.43 19.54
C SER A 159 5.86 -26.65 18.52
N SER A 160 6.54 -25.56 18.17
CA SER A 160 7.85 -25.64 17.55
C SER A 160 8.89 -26.05 18.63
N ASP A 161 10.16 -26.10 18.25
CA ASP A 161 11.22 -26.56 19.16
C ASP A 161 11.62 -25.51 20.22
N PRO A 162 12.35 -25.95 21.28
CA PRO A 162 12.68 -25.06 22.41
C PRO A 162 13.49 -23.79 22.08
N ILE A 163 14.08 -23.72 20.88
CA ILE A 163 14.75 -22.49 20.43
C ILE A 163 13.78 -21.64 19.62
N GLY A 164 13.48 -20.46 20.14
CA GLY A 164 12.45 -19.60 19.57
C GLY A 164 11.36 -19.30 20.60
N PRO A 165 10.17 -18.90 20.14
CA PRO A 165 9.05 -18.58 21.06
C PRO A 165 8.58 -19.75 21.94
N ALA A 166 8.82 -21.00 21.51
CA ALA A 166 8.41 -22.18 22.28
C ALA A 166 9.33 -22.44 23.48
N GLU A 167 10.26 -21.53 23.70
CA GLU A 167 11.17 -21.51 24.85
C GLU A 167 10.42 -21.66 26.18
N THR A 168 9.28 -20.98 26.29
CA THR A 168 8.44 -20.94 27.50
C THR A 168 7.54 -22.18 27.70
N LEU A 169 7.54 -23.12 26.74
CA LEU A 169 6.64 -24.28 26.79
C LEU A 169 7.35 -25.57 27.23
N PHE A 170 8.61 -25.44 27.65
CA PHE A 170 9.44 -26.60 27.98
C PHE A 170 10.04 -26.46 29.38
N ASN A 171 9.19 -26.19 30.37
CA ASN A 171 9.64 -26.05 31.75
C ASN A 171 8.61 -26.57 32.76
N GLN A 172 9.00 -26.59 34.03
CA GLN A 172 8.13 -27.07 35.13
C GLN A 172 6.85 -26.22 35.28
N ASN A 173 7.02 -24.89 35.33
CA ASN A 173 5.91 -23.93 35.39
C ASN A 173 4.84 -24.20 34.34
N PHE A 174 5.26 -24.56 33.13
CA PHE A 174 4.35 -24.75 32.03
C PHE A 174 3.41 -25.94 32.21
N TYR A 175 3.92 -27.00 32.85
CA TYR A 175 3.11 -28.19 33.08
C TYR A 175 2.15 -28.07 34.27
N GLU A 176 2.49 -27.20 35.23
CA GLU A 176 1.55 -26.69 36.25
C GLU A 176 0.31 -26.12 35.56
N LYS A 177 0.56 -25.20 34.64
CA LYS A 177 -0.48 -24.48 33.92
C LYS A 177 -1.32 -25.45 33.11
N ILE A 178 -0.67 -26.41 32.45
CA ILE A 178 -1.40 -27.44 31.71
C ILE A 178 -2.30 -28.23 32.65
N TYR A 179 -1.75 -28.63 33.80
CA TYR A 179 -2.47 -29.46 34.76
C TYR A 179 -3.73 -28.74 35.25
N ASN A 180 -3.54 -27.49 35.70
CA ASN A 180 -4.61 -26.66 36.23
C ASN A 180 -5.70 -26.31 35.20
N ALA A 181 -5.33 -26.25 33.92
CA ALA A 181 -6.25 -25.90 32.85
C ALA A 181 -6.98 -27.11 32.29
N LEU A 182 -6.69 -28.28 32.86
CA LEU A 182 -7.37 -29.51 32.49
C LEU A 182 -8.47 -29.87 33.48
N LYS A 183 -9.54 -30.48 32.96
CA LYS A 183 -10.58 -31.10 33.77
C LYS A 183 -9.94 -32.21 34.62
N PRO A 184 -10.53 -32.55 35.79
CA PRO A 184 -9.89 -33.55 36.66
C PRO A 184 -9.64 -34.93 36.01
N ASN A 185 -10.31 -35.22 34.91
CA ASN A 185 -10.03 -36.41 34.12
C ASN A 185 -9.50 -36.03 32.72
N GLY A 186 -8.67 -34.99 32.67
CA GLY A 186 -8.22 -34.42 31.40
C GLY A 186 -6.88 -34.98 30.93
N TYR A 187 -6.68 -34.99 29.62
CA TYR A 187 -5.42 -35.44 28.99
C TYR A 187 -4.69 -34.32 28.25
N CYS A 188 -3.36 -34.38 28.31
CA CYS A 188 -2.47 -33.50 27.55
C CYS A 188 -1.49 -34.36 26.79
N VAL A 189 -1.34 -34.08 25.49
CA VAL A 189 -0.22 -34.60 24.71
C VAL A 189 0.65 -33.42 24.26
N ALA A 190 1.96 -33.62 24.25
CA ALA A 190 2.89 -32.59 23.79
C ALA A 190 3.92 -33.17 22.84
N GLN A 191 4.34 -32.38 21.87
CA GLN A 191 5.47 -32.71 21.04
C GLN A 191 6.68 -32.84 21.92
N CYS A 192 7.39 -33.95 21.78
CA CYS A 192 8.59 -34.20 22.55
C CYS A 192 9.75 -34.66 21.66
N GLU A 193 10.95 -34.69 22.15
CA GLU A 193 12.11 -34.73 21.27
C GLU A 193 12.08 -35.94 20.27
N SER A 194 13.17 -36.24 19.60
CA SER A 194 13.35 -37.56 19.03
C SER A 194 14.10 -38.43 19.98
N LEU A 195 13.65 -39.65 20.15
CA LEU A 195 14.37 -40.62 20.96
C LEU A 195 15.80 -40.87 20.51
N TRP A 196 16.04 -40.75 19.23
CA TRP A 196 17.37 -40.88 18.66
C TRP A 196 18.36 -39.74 18.94
N ILE A 197 17.89 -38.53 19.25
CA ILE A 197 18.86 -37.43 19.49
C ILE A 197 19.01 -36.83 20.87
N HIS A 198 17.94 -36.59 21.60
CA HIS A 198 18.17 -36.23 23.01
C HIS A 198 17.19 -36.81 24.01
N VAL A 199 17.64 -37.93 24.55
CA VAL A 199 17.01 -38.61 25.66
C VAL A 199 17.01 -37.70 26.89
N GLY A 200 18.07 -36.91 27.06
CA GLY A 200 18.15 -35.91 28.13
C GLY A 200 16.92 -35.03 28.24
N THR A 201 16.58 -34.34 27.14
CA THR A 201 15.35 -33.54 27.04
C THR A 201 14.11 -34.37 27.40
N ILE A 202 13.95 -35.52 26.74
CA ILE A 202 12.85 -36.43 27.01
C ILE A 202 12.75 -36.76 28.50
N LYS A 203 13.90 -37.08 29.11
CA LYS A 203 14.00 -37.32 30.55
C LYS A 203 13.51 -36.14 31.37
N ASN A 204 13.92 -34.93 30.97
CA ASN A 204 13.52 -33.72 31.67
C ASN A 204 12.02 -33.44 31.58
N MET A 205 11.46 -33.56 30.39
CA MET A 205 10.00 -33.42 30.16
C MET A 205 9.17 -34.39 30.98
N ILE A 206 9.52 -35.69 30.90
CA ILE A 206 8.83 -36.73 31.68
C ILE A 206 8.90 -36.43 33.17
N GLY A 207 10.02 -35.86 33.61
CA GLY A 207 10.22 -35.48 35.01
C GLY A 207 9.30 -34.36 35.45
N TYR A 208 9.15 -33.33 34.61
CA TYR A 208 8.24 -32.22 34.86
C TYR A 208 6.79 -32.70 34.89
N ALA A 209 6.43 -33.53 33.92
CA ALA A 209 5.09 -34.10 33.82
C ALA A 209 4.73 -35.00 35.01
N LYS A 210 5.67 -35.85 35.43
CA LYS A 210 5.42 -36.80 36.53
C LYS A 210 5.25 -36.13 37.90
N LYS A 211 5.70 -34.88 38.03
CA LYS A 211 5.58 -34.12 39.27
C LYS A 211 4.14 -33.65 39.56
N LEU A 212 3.25 -33.82 38.58
CA LEU A 212 1.86 -33.36 38.67
C LEU A 212 0.89 -34.44 38.21
N PHE A 213 1.24 -35.11 37.11
CA PHE A 213 0.40 -36.12 36.49
C PHE A 213 0.58 -37.53 37.04
N LYS A 214 -0.55 -38.21 37.21
CA LYS A 214 -0.59 -39.57 37.74
C LYS A 214 0.12 -40.54 36.78
N LYS A 215 -0.17 -40.41 35.48
CA LYS A 215 0.39 -41.29 34.45
C LYS A 215 1.04 -40.53 33.28
N VAL A 216 2.36 -40.69 33.14
CA VAL A 216 3.12 -40.05 32.06
C VAL A 216 3.73 -41.09 31.14
N GLU A 217 3.27 -41.10 29.89
CA GLU A 217 3.73 -42.05 28.90
C GLU A 217 4.43 -41.30 27.75
N TYR A 218 5.12 -42.05 26.89
CA TYR A 218 5.82 -41.51 25.75
C TYR A 218 5.57 -42.44 24.57
N ALA A 219 5.13 -41.85 23.47
CA ALA A 219 4.90 -42.58 22.24
C ALA A 219 5.79 -42.02 21.14
N ASN A 220 6.04 -42.83 20.12
CA ASN A 220 6.86 -42.40 19.00
C ASN A 220 6.06 -42.47 17.70
N ILE A 221 6.34 -41.51 16.81
CA ILE A 221 5.68 -41.39 15.51
C ILE A 221 6.76 -41.44 14.43
N SER A 222 6.50 -42.19 13.37
CA SER A 222 7.37 -42.18 12.22
C SER A 222 6.97 -41.03 11.31
N ILE A 223 7.92 -40.14 11.05
CA ILE A 223 7.74 -39.00 10.16
C ILE A 223 9.11 -38.60 9.56
N PRO A 224 9.30 -38.83 8.26
CA PRO A 224 10.61 -38.69 7.61
C PRO A 224 11.23 -37.30 7.67
N THR A 225 10.43 -36.24 7.72
CA THR A 225 10.94 -34.87 7.58
C THR A 225 11.15 -34.15 8.93
N TYR A 226 11.07 -34.90 10.02
CA TYR A 226 11.61 -34.43 11.30
C TYR A 226 12.96 -35.11 11.53
N PRO A 227 13.89 -34.44 12.24
CA PRO A 227 15.23 -34.99 12.47
C PRO A 227 15.18 -36.40 13.06
N CYS A 228 15.97 -37.30 12.47
CA CYS A 228 16.04 -38.73 12.84
C CYS A 228 14.84 -39.56 12.40
N GLY A 229 13.95 -38.94 11.63
CA GLY A 229 12.81 -39.63 11.05
C GLY A 229 11.69 -39.97 12.01
N CYS A 230 11.71 -39.37 13.20
CA CYS A 230 10.66 -39.64 14.17
C CYS A 230 10.49 -38.52 15.19
N ILE A 231 9.33 -38.47 15.82
CA ILE A 231 9.10 -37.54 16.93
C ILE A 231 8.22 -38.20 18.00
N GLY A 232 8.45 -37.82 19.25
CA GLY A 232 7.71 -38.37 20.36
C GLY A 232 6.53 -37.54 20.82
N ILE A 233 5.60 -38.22 21.50
CA ILE A 233 4.45 -37.61 22.12
C ILE A 233 4.60 -37.79 23.63
N LEU A 234 4.84 -36.71 24.36
CA LEU A 234 4.73 -36.74 25.81
C LEU A 234 3.24 -36.82 26.16
N CYS A 235 2.83 -37.95 26.73
CA CYS A 235 1.44 -38.21 27.05
C CYS A 235 1.21 -38.08 28.57
N CYS A 236 0.25 -37.22 28.96
CA CYS A 236 -0.01 -36.90 30.36
C CYS A 236 -1.47 -37.16 30.76
N SER A 237 -1.66 -37.98 31.79
CA SER A 237 -2.99 -38.37 32.28
C SER A 237 -3.13 -38.08 33.76
N LYS A 238 -4.37 -37.79 34.20
CA LYS A 238 -4.63 -37.53 35.63
C LYS A 238 -5.08 -38.81 36.36
N THR A 239 -5.48 -39.81 35.57
CA THR A 239 -5.82 -41.13 36.10
C THR A 239 -4.72 -42.12 35.74
N ASP A 240 -4.60 -43.20 36.52
CA ASP A 240 -3.54 -44.19 36.30
C ASP A 240 -3.77 -45.05 35.05
N THR A 241 -4.91 -44.86 34.40
CA THR A 241 -5.25 -45.59 33.16
C THR A 241 -4.42 -45.23 31.92
N GLY A 242 -3.94 -43.98 31.84
CA GLY A 242 -3.06 -43.52 30.76
C GLY A 242 -3.70 -43.43 29.37
N LEU A 243 -2.85 -43.30 28.35
CA LEU A 243 -3.30 -43.02 26.98
C LEU A 243 -2.94 -44.09 25.93
N THR A 244 -2.39 -45.22 26.37
CA THR A 244 -1.92 -46.27 25.44
C THR A 244 -3.06 -47.04 24.78
N LYS A 245 -4.23 -47.00 25.41
CA LYS A 245 -5.36 -47.82 24.96
C LYS A 245 -6.59 -46.96 24.63
N PRO A 246 -6.99 -46.93 23.34
CA PRO A 246 -8.19 -46.26 22.84
C PRO A 246 -9.50 -46.85 23.38
N ASN A 247 -10.46 -45.95 23.64
CA ASN A 247 -11.79 -46.31 24.14
C ASN A 247 -12.83 -46.32 23.05
N LYS A 248 -12.40 -46.02 21.82
CA LYS A 248 -13.31 -46.00 20.68
C LYS A 248 -12.57 -46.25 19.37
N LYS A 249 -13.35 -46.58 18.34
CA LYS A 249 -12.83 -46.80 17.00
C LYS A 249 -13.43 -45.78 16.03
N LEU A 250 -12.58 -45.22 15.19
CA LEU A 250 -12.96 -44.14 14.29
C LEU A 250 -13.57 -44.66 12.99
N GLU A 251 -14.86 -45.01 13.05
CA GLU A 251 -15.51 -45.74 11.96
C GLU A 251 -16.50 -44.93 11.11
N SER A 252 -16.81 -43.70 11.54
CA SER A 252 -17.71 -42.80 10.80
C SER A 252 -17.03 -42.21 9.57
N LYS A 253 -17.83 -41.78 8.59
CA LYS A 253 -17.34 -41.35 7.27
C LYS A 253 -16.29 -40.22 7.32
N GLU A 254 -16.24 -39.52 8.45
CA GLU A 254 -15.33 -38.39 8.65
C GLU A 254 -13.89 -38.86 8.83
N PHE A 255 -13.73 -40.06 9.38
CA PHE A 255 -12.42 -40.66 9.62
C PHE A 255 -12.02 -41.67 8.54
N ALA A 256 -12.82 -41.74 7.48
CA ALA A 256 -12.55 -42.67 6.38
C ALA A 256 -11.25 -42.35 5.65
N ASP A 257 -10.79 -41.11 5.75
CA ASP A 257 -9.64 -40.62 5.00
C ASP A 257 -8.30 -40.72 5.75
N LEU A 258 -8.34 -41.24 6.98
CA LEU A 258 -7.13 -41.41 7.80
C LEU A 258 -6.03 -42.16 7.05
N LYS A 259 -4.80 -41.67 7.18
CA LYS A 259 -3.67 -42.20 6.40
C LYS A 259 -2.59 -42.88 7.25
N TYR A 260 -2.62 -42.65 8.55
CA TYR A 260 -1.63 -43.20 9.45
C TYR A 260 -2.29 -43.88 10.65
N TYR A 261 -3.03 -43.11 11.45
CA TYR A 261 -3.68 -43.63 12.66
C TYR A 261 -4.64 -44.79 12.36
N ASN A 262 -4.54 -45.81 13.19
CA ASN A 262 -5.60 -46.79 13.36
C ASN A 262 -5.59 -47.31 14.78
N TYR A 263 -6.56 -48.17 15.10
CA TYR A 263 -6.76 -48.69 16.45
C TYR A 263 -5.51 -49.43 16.97
N GLU A 264 -4.93 -50.28 16.13
CA GLU A 264 -3.74 -51.06 16.52
C GLU A 264 -2.48 -50.21 16.67
N ASN A 265 -2.20 -49.31 15.72
CA ASN A 265 -0.96 -48.54 15.86
CA ASN A 265 -1.03 -48.42 15.76
C ASN A 265 -1.00 -47.48 16.95
N HIS A 266 -2.20 -47.18 17.48
CA HIS A 266 -2.33 -46.34 18.66
C HIS A 266 -1.44 -46.92 19.74
N SER A 267 -1.72 -48.17 20.13
CA SER A 267 -1.04 -48.83 21.24
CA SER A 267 -1.03 -48.82 21.23
C SER A 267 0.42 -49.16 20.89
N ALA A 268 0.66 -49.52 19.64
CA ALA A 268 2.00 -49.81 19.13
C ALA A 268 2.98 -48.66 19.35
N ALA A 269 2.53 -47.43 19.13
CA ALA A 269 3.35 -46.22 19.24
C ALA A 269 4.05 -46.12 20.60
N PHE A 270 3.47 -46.80 21.58
CA PHE A 270 3.97 -46.77 22.95
C PHE A 270 4.99 -47.89 23.24
N LYS A 271 5.24 -48.74 22.24
CA LYS A 271 6.24 -49.81 22.39
C LYS A 271 7.61 -49.31 21.99
N LEU A 272 8.40 -48.88 22.98
CA LEU A 272 9.64 -48.15 22.76
C LEU A 272 10.90 -49.03 22.70
N PRO A 273 11.93 -48.59 21.94
CA PRO A 273 13.24 -49.27 21.92
C PRO A 273 13.79 -49.51 23.33
N ALA A 274 14.45 -50.65 23.54
CA ALA A 274 14.99 -51.01 24.86
C ALA A 274 15.83 -49.93 25.51
N PHE A 275 16.69 -49.26 24.74
CA PHE A 275 17.59 -48.26 25.32
C PHE A 275 16.81 -47.09 25.93
N LEU A 276 15.66 -46.78 25.33
CA LEU A 276 14.82 -45.68 25.80
C LEU A 276 14.12 -46.01 27.13
N LEU A 277 13.46 -47.17 27.17
CA LEU A 277 12.83 -47.69 28.39
C LEU A 277 13.80 -47.67 29.55
N LYS A 278 15.03 -48.09 29.27
CA LYS A 278 16.07 -48.12 30.28
C LYS A 278 16.38 -46.74 30.86
N GLU A 279 16.49 -45.73 30.00
CA GLU A 279 16.92 -44.40 30.42
C GLU A 279 15.90 -43.66 31.29
N ILE A 280 14.63 -43.97 31.10
CA ILE A 280 13.55 -43.23 31.73
C ILE A 280 12.95 -43.90 32.97
N GLU A 281 13.44 -45.09 33.32
CA GLU A 281 12.83 -45.91 34.37
C GLU A 281 12.87 -45.35 35.80
N ASN A 282 14.01 -44.78 36.19
CA ASN A 282 14.18 -44.28 37.56
C ASN A 282 13.84 -42.79 37.73
N ILE A 283 13.12 -42.24 36.75
CA ILE A 283 12.64 -40.86 36.79
C ILE A 283 11.47 -40.76 37.79
N LYS B 3 5.92 -11.17 -20.29
CA LYS B 3 5.51 -10.41 -19.05
C LYS B 3 4.19 -9.65 -19.24
N LYS B 4 3.31 -9.77 -18.26
CA LYS B 4 1.95 -9.28 -18.36
C LYS B 4 1.77 -7.89 -17.70
N TRP B 5 0.69 -7.21 -18.05
CA TRP B 5 0.38 -5.91 -17.48
C TRP B 5 -0.95 -5.98 -16.74
N PHE B 6 -1.00 -5.33 -15.57
CA PHE B 6 -2.27 -5.07 -14.91
C PHE B 6 -2.82 -3.74 -15.41
N SER B 7 -4.11 -3.72 -15.78
CA SER B 7 -4.75 -2.50 -16.23
C SER B 7 -5.95 -2.18 -15.36
N GLU B 8 -6.03 -0.93 -14.91
CA GLU B 8 -7.14 -0.45 -14.12
C GLU B 8 -8.09 0.28 -15.05
N PHE B 9 -9.20 -0.32 -15.36
CA PHE B 9 -10.21 0.45 -15.98
C PHE B 9 -11.48 0.31 -15.26
N SER B 10 -12.27 1.32 -15.39
CA SER B 10 -13.53 1.36 -14.67
C SER B 10 -14.58 2.22 -15.37
N ILE B 11 -15.84 1.86 -15.12
CA ILE B 11 -16.98 2.69 -15.52
C ILE B 11 -16.99 4.02 -14.75
N MET B 12 -16.31 4.04 -13.58
CA MET B 12 -16.17 5.25 -12.76
C MET B 12 -15.26 6.31 -13.41
N TRP B 13 -14.41 5.90 -14.36
CA TRP B 13 -13.59 6.83 -15.17
C TRP B 13 -13.41 6.33 -16.62
N PRO B 14 -14.45 6.49 -17.45
CA PRO B 14 -14.44 5.85 -18.78
C PRO B 14 -13.49 6.52 -19.76
N GLY B 15 -13.00 5.75 -20.74
CA GLY B 15 -12.13 6.29 -21.77
C GLY B 15 -10.66 6.44 -21.40
N GLN B 16 -10.31 6.01 -20.19
CA GLN B 16 -8.94 6.10 -19.71
C GLN B 16 -8.54 4.85 -18.90
N ALA B 17 -7.25 4.56 -18.87
CA ALA B 17 -6.73 3.43 -18.11
C ALA B 17 -5.31 3.71 -17.61
N PHE B 18 -4.97 3.09 -16.50
CA PHE B 18 -3.60 3.09 -16.04
C PHE B 18 -3.17 1.64 -15.92
N SER B 19 -2.00 1.34 -16.49
CA SER B 19 -1.42 0.01 -16.48
C SER B 19 -0.06 -0.03 -15.81
N LEU B 20 0.18 -1.09 -15.05
CA LEU B 20 1.49 -1.36 -14.45
C LEU B 20 1.98 -2.73 -14.88
N LYS B 21 3.23 -2.84 -15.27
CA LYS B 21 3.79 -4.14 -15.65
C LYS B 21 3.96 -5.02 -14.41
N ILE B 22 3.52 -6.28 -14.54
CA ILE B 22 3.53 -7.25 -13.44
C ILE B 22 4.83 -8.03 -13.42
N LYS B 23 5.57 -7.97 -12.30
CA LYS B 23 6.73 -8.82 -12.13
C LYS B 23 6.27 -10.24 -11.73
N LYS B 24 5.46 -10.32 -10.69
CA LYS B 24 4.82 -11.59 -10.30
C LYS B 24 3.54 -11.34 -9.53
N ILE B 25 2.57 -12.22 -9.70
CA ILE B 25 1.33 -12.23 -8.93
C ILE B 25 1.66 -12.91 -7.59
N LEU B 26 1.21 -12.31 -6.49
CA LEU B 26 1.51 -12.85 -5.17
C LEU B 26 0.33 -13.62 -4.55
N TYR B 27 -0.86 -13.06 -4.70
CA TYR B 27 -2.09 -13.61 -4.14
C TYR B 27 -3.31 -13.12 -4.89
N GLU B 28 -4.25 -14.03 -5.13
CA GLU B 28 -5.56 -13.70 -5.67
C GLU B 28 -6.59 -14.53 -4.92
N THR B 29 -7.68 -13.89 -4.53
CA THR B 29 -8.78 -14.58 -3.86
C THR B 29 -10.06 -13.77 -3.99
N LYS B 30 -11.19 -14.43 -3.81
CA LYS B 30 -12.46 -13.76 -3.66
C LYS B 30 -12.83 -13.89 -2.20
N SER B 31 -12.90 -12.77 -1.49
CA SER B 31 -13.36 -12.77 -0.12
C SER B 31 -14.89 -12.70 -0.12
N LYS B 32 -15.50 -12.65 1.07
CA LYS B 32 -16.96 -12.50 1.20
C LYS B 32 -17.46 -11.19 0.57
N TYR B 33 -16.54 -10.26 0.33
CA TYR B 33 -16.92 -8.90 -0.05
C TYR B 33 -16.43 -8.45 -1.41
N GLN B 34 -15.22 -8.85 -1.80
CA GLN B 34 -14.60 -8.33 -3.01
C GLN B 34 -13.48 -9.22 -3.54
N ASN B 35 -13.11 -9.02 -4.80
CA ASN B 35 -11.93 -9.65 -5.40
C ASN B 35 -10.64 -8.97 -4.97
N VAL B 36 -9.75 -9.76 -4.40
CA VAL B 36 -8.50 -9.24 -3.88
C VAL B 36 -7.35 -9.75 -4.72
N LEU B 37 -6.53 -8.82 -5.21
CA LEU B 37 -5.31 -9.12 -5.97
C LEU B 37 -4.11 -8.41 -5.39
N VAL B 38 -3.01 -9.15 -5.26
CA VAL B 38 -1.74 -8.59 -4.85
C VAL B 38 -0.69 -9.01 -5.85
N PHE B 39 -0.01 -8.04 -6.45
CA PHE B 39 1.13 -8.38 -7.31
C PHE B 39 2.30 -7.47 -7.02
N GLU B 40 3.49 -7.96 -7.33
CA GLU B 40 4.66 -7.11 -7.43
C GLU B 40 4.70 -6.56 -8.84
N SER B 41 4.69 -5.23 -8.94
CA SER B 41 4.87 -4.56 -10.21
C SER B 41 6.37 -4.44 -10.47
N THR B 42 6.76 -4.15 -11.71
CA THR B 42 8.19 -4.00 -12.04
C THR B 42 8.84 -2.71 -11.49
N THR B 43 8.08 -1.63 -11.33
CA THR B 43 8.66 -0.34 -10.92
C THR B 43 7.93 0.41 -9.78
N TYR B 44 6.81 -0.13 -9.30
CA TYR B 44 6.04 0.53 -8.24
C TYR B 44 5.98 -0.28 -6.95
N GLY B 45 6.77 -1.36 -6.91
CA GLY B 45 6.77 -2.31 -5.80
C GLY B 45 5.49 -3.10 -5.81
N LYS B 46 5.06 -3.54 -4.63
CA LYS B 46 3.83 -4.31 -4.51
C LYS B 46 2.58 -3.43 -4.56
N VAL B 47 1.50 -4.01 -5.06
CA VAL B 47 0.28 -3.31 -5.40
C VAL B 47 -0.88 -4.10 -4.83
N LEU B 48 -1.78 -3.40 -4.15
CA LEU B 48 -2.99 -4.00 -3.64
C LEU B 48 -4.12 -3.53 -4.52
N VAL B 49 -4.84 -4.50 -5.09
CA VAL B 49 -6.02 -4.25 -5.93
C VAL B 49 -7.27 -4.86 -5.28
N LEU B 50 -8.35 -4.07 -5.23
CA LEU B 50 -9.65 -4.55 -4.82
C LEU B 50 -10.66 -4.27 -5.91
N ASP B 51 -11.35 -5.33 -6.35
CA ASP B 51 -12.34 -5.26 -7.45
C ASP B 51 -11.83 -4.54 -8.67
N GLY B 52 -10.60 -4.83 -9.08
CA GLY B 52 -10.01 -4.25 -10.29
C GLY B 52 -9.47 -2.84 -10.09
N VAL B 53 -9.53 -2.33 -8.84
CA VAL B 53 -9.16 -0.95 -8.56
C VAL B 53 -7.92 -0.89 -7.66
N ILE B 54 -6.93 -0.12 -8.07
CA ILE B 54 -5.69 0.07 -7.32
C ILE B 54 -6.01 0.75 -6.02
N GLN B 55 -5.65 0.06 -4.94
CA GLN B 55 -5.79 0.56 -3.60
C GLN B 55 -4.52 1.30 -3.18
N LEU B 56 -3.37 0.71 -3.50
CA LEU B 56 -2.08 1.28 -3.16
C LEU B 56 -0.94 0.61 -3.87
N THR B 57 0.20 1.31 -3.96
CA THR B 57 1.46 0.71 -4.33
C THR B 57 2.47 1.13 -3.27
N GLU B 58 3.55 0.38 -3.14
CA GLU B 58 4.62 0.73 -2.20
C GLU B 58 5.31 2.04 -2.54
N LYS B 59 5.44 2.31 -3.84
CA LYS B 59 6.16 3.50 -4.33
C LYS B 59 5.58 4.83 -3.87
N ASP B 60 4.25 4.94 -3.83
CA ASP B 60 3.61 6.24 -3.57
C ASP B 60 2.57 6.27 -2.45
N GLU B 61 2.30 5.14 -1.80
CA GLU B 61 1.22 5.07 -0.79
C GLU B 61 1.36 6.17 0.26
N PHE B 62 2.60 6.57 0.50
CA PHE B 62 2.91 7.50 1.61
C PHE B 62 2.27 8.85 1.38
N ALA B 63 2.15 9.26 0.12
CA ALA B 63 1.51 10.53 -0.26
C ALA B 63 0.10 10.66 0.28
N TYR B 64 -0.71 9.65 -0.04
CA TYR B 64 -2.09 9.53 0.38
C TYR B 64 -2.20 9.35 1.89
N HIS B 65 -1.46 8.40 2.44
CA HIS B 65 -1.60 8.10 3.87
C HIS B 65 -1.13 9.22 4.78
N GLU B 66 -0.05 9.89 4.40
CA GLU B 66 0.45 11.05 5.15
C GLU B 66 -0.48 12.26 5.11
N MET B 67 -0.98 12.60 3.93
CA MET B 67 -1.84 13.80 3.76
C MET B 67 -3.17 13.57 4.47
N MET B 68 -3.73 12.37 4.32
CA MET B 68 -5.00 11.98 4.93
C MET B 68 -4.93 11.99 6.46
N THR B 69 -3.75 11.71 7.00
CA THR B 69 -3.59 11.62 8.46
C THR B 69 -3.11 12.91 9.11
N HIS B 70 -2.06 13.51 8.53
CA HIS B 70 -1.39 14.68 9.13
C HIS B 70 -2.10 15.99 8.93
N VAL B 71 -2.96 16.03 7.92
CA VAL B 71 -3.87 17.15 7.75
C VAL B 71 -4.82 17.30 8.96
N PRO B 72 -5.69 16.30 9.25
CA PRO B 72 -6.51 16.47 10.46
C PRO B 72 -5.73 16.44 11.79
N MET B 73 -4.64 15.67 11.85
CA MET B 73 -3.96 15.43 13.10
C MET B 73 -3.07 16.55 13.55
N THR B 74 -2.80 17.50 12.67
CA THR B 74 -2.02 18.68 13.03
C THR B 74 -2.93 19.85 13.33
N VAL B 75 -4.24 19.65 13.22
CA VAL B 75 -5.23 20.70 13.48
C VAL B 75 -5.96 20.40 14.78
N SER B 76 -6.41 19.15 14.93
CA SER B 76 -7.02 18.70 16.19
C SER B 76 -6.02 18.80 17.35
N LYS B 77 -6.46 19.43 18.44
CA LYS B 77 -5.63 19.65 19.62
C LYS B 77 -5.88 18.50 20.59
N GLU B 78 -4.83 17.80 20.98
CA GLU B 78 -4.95 16.71 21.96
C GLU B 78 -6.00 15.65 21.60
N PRO B 79 -5.99 15.14 20.34
CA PRO B 79 -6.97 14.09 20.05
C PRO B 79 -6.71 12.81 20.86
N LYS B 80 -7.72 12.31 21.58
CA LYS B 80 -7.60 11.07 22.35
C LYS B 80 -8.16 9.86 21.61
N ASN B 81 -9.18 10.09 20.79
CA ASN B 81 -9.87 8.97 20.13
C ASN B 81 -9.95 9.25 18.65
N VAL B 82 -9.43 8.30 17.86
CA VAL B 82 -9.45 8.46 16.42
C VAL B 82 -10.08 7.21 15.82
N LEU B 83 -10.89 7.38 14.79
CA LEU B 83 -11.42 6.23 14.06
C LEU B 83 -10.98 6.23 12.60
N VAL B 84 -10.56 5.06 12.11
CA VAL B 84 -10.34 4.86 10.67
C VAL B 84 -11.48 4.02 10.16
N VAL B 85 -12.12 4.51 9.11
CA VAL B 85 -13.18 3.79 8.42
C VAL B 85 -12.57 3.16 7.16
N GLY B 86 -12.67 1.85 7.03
CA GLY B 86 -11.93 1.15 5.97
C GLY B 86 -10.49 1.00 6.40
N GLY B 87 -9.57 1.29 5.48
CA GLY B 87 -8.14 1.30 5.75
C GLY B 87 -7.53 0.00 6.25
N GLY B 88 -7.99 -1.12 5.73
CA GLY B 88 -7.49 -2.43 6.16
C GLY B 88 -6.02 -2.64 5.96
N ASP B 89 -5.44 -1.92 4.99
CA ASP B 89 -4.00 -2.01 4.74
C ASP B 89 -3.16 -1.52 5.94
N GLY B 90 -3.71 -0.63 6.75
CA GLY B 90 -2.97 -0.17 7.96
C GLY B 90 -2.21 1.13 7.79
N GLY B 91 -2.24 1.67 6.58
CA GLY B 91 -1.49 2.87 6.22
C GLY B 91 -1.78 4.06 7.10
N ILE B 92 -3.07 4.34 7.29
CA ILE B 92 -3.54 5.46 8.10
C ILE B 92 -3.17 5.19 9.55
N ILE B 93 -3.41 3.96 10.00
CA ILE B 93 -3.00 3.46 11.32
C ILE B 93 -1.53 3.66 11.54
N ARG B 94 -0.69 3.26 10.59
CA ARG B 94 0.75 3.52 10.68
C ARG B 94 1.08 5.00 11.00
N GLU B 95 0.45 5.90 10.27
CA GLU B 95 0.68 7.33 10.46
C GLU B 95 0.12 7.83 11.79
N LEU B 96 -1.02 7.27 12.19
CA LEU B 96 -1.68 7.68 13.43
C LEU B 96 -0.87 7.30 14.66
N CYS B 97 -0.21 6.14 14.58
CA CYS B 97 0.63 5.63 15.68
C CYS B 97 1.76 6.57 16.10
N LYS B 98 2.18 7.44 15.18
CA LYS B 98 3.26 8.39 15.43
C LYS B 98 2.84 9.45 16.45
N TYR B 99 1.53 9.59 16.65
CA TYR B 99 0.99 10.49 17.66
C TYR B 99 0.89 9.81 19.04
N LYS B 100 1.87 10.11 19.89
CA LYS B 100 2.01 9.47 21.20
C LYS B 100 0.82 9.72 22.12
N SER B 101 0.20 10.90 21.96
CA SER B 101 -0.95 11.39 22.74
C SER B 101 -2.28 10.69 22.49
N VAL B 102 -2.44 10.06 21.34
CA VAL B 102 -3.70 9.36 21.07
C VAL B 102 -3.82 8.16 22.00
N GLU B 103 -5.01 7.94 22.53
CA GLU B 103 -5.23 6.82 23.45
C GLU B 103 -5.75 5.59 22.76
N ASN B 104 -6.69 5.79 21.84
CA ASN B 104 -7.36 4.67 21.15
C ASN B 104 -7.44 4.99 19.69
N ILE B 105 -7.06 4.02 18.89
CA ILE B 105 -7.16 4.08 17.45
C ILE B 105 -8.08 2.93 17.07
N ASP B 106 -9.31 3.26 16.76
CA ASP B 106 -10.27 2.25 16.41
C ASP B 106 -10.27 2.18 14.89
N ILE B 107 -10.44 0.98 14.38
CA ILE B 107 -10.55 0.84 12.94
C ILE B 107 -11.72 -0.07 12.62
N CYS B 108 -12.54 0.37 11.68
CA CYS B 108 -13.69 -0.38 11.26
C CYS B 108 -13.55 -0.75 9.79
N GLU B 109 -13.16 -2.00 9.55
CA GLU B 109 -12.92 -2.55 8.22
C GLU B 109 -13.87 -3.73 8.02
N ILE B 110 -14.57 -3.74 6.89
CA ILE B 110 -15.62 -4.72 6.61
C ILE B 110 -15.02 -6.07 6.25
N ASP B 111 -13.88 -6.04 5.58
CA ASP B 111 -13.29 -7.22 4.96
C ASP B 111 -11.98 -7.59 5.63
N GLU B 112 -12.06 -8.54 6.56
CA GLU B 112 -10.91 -8.97 7.35
C GLU B 112 -9.78 -9.53 6.48
N THR B 113 -10.11 -10.10 5.33
CA THR B 113 -9.11 -10.65 4.42
C THR B 113 -8.09 -9.59 4.04
N VAL B 114 -8.57 -8.36 3.83
CA VAL B 114 -7.70 -7.22 3.47
C VAL B 114 -6.64 -7.00 4.53
N ILE B 115 -7.05 -6.99 5.81
CA ILE B 115 -6.09 -6.83 6.91
C ILE B 115 -5.05 -7.95 6.91
N GLU B 116 -5.52 -9.19 6.82
CA GLU B 116 -4.62 -10.37 6.81
C GLU B 116 -3.62 -10.33 5.64
N VAL B 117 -4.13 -10.04 4.44
CA VAL B 117 -3.32 -9.93 3.23
C VAL B 117 -2.27 -8.82 3.35
N SER B 118 -2.68 -7.70 3.94
CA SER B 118 -1.77 -6.59 4.17
CA SER B 118 -1.78 -6.58 4.17
C SER B 118 -0.71 -6.89 5.23
N LYS B 119 -1.06 -7.72 6.21
CA LYS B 119 -0.07 -8.15 7.21
C LYS B 119 1.00 -9.05 6.57
N ILE B 120 0.59 -9.82 5.56
CA ILE B 120 1.47 -10.75 4.85
C ILE B 120 2.35 -10.07 3.78
N TYR B 121 1.73 -9.30 2.89
CA TYR B 121 2.45 -8.80 1.73
C TYR B 121 2.91 -7.35 1.81
N PHE B 122 2.44 -6.60 2.81
CA PHE B 122 2.74 -5.17 2.96
C PHE B 122 3.11 -4.82 4.39
N LYS B 123 4.17 -5.43 4.90
CA LYS B 123 4.63 -5.25 6.29
C LYS B 123 4.95 -3.81 6.69
N ASN B 124 5.53 -3.04 5.76
CA ASN B 124 5.87 -1.64 6.03
C ASN B 124 4.66 -0.71 6.09
N ILE B 125 3.50 -1.23 5.68
CA ILE B 125 2.25 -0.49 5.68
C ILE B 125 1.37 -0.95 6.84
N SER B 126 1.38 -2.25 7.11
CA SER B 126 0.48 -2.83 8.10
C SER B 126 1.09 -2.92 9.49
N CYS B 127 2.28 -2.31 9.66
CA CYS B 127 3.08 -2.45 10.88
C CYS B 127 2.40 -1.89 12.16
N GLY B 128 1.54 -0.90 12.00
CA GLY B 128 0.86 -0.25 13.13
C GLY B 128 -0.19 -1.11 13.83
N TYR B 129 -0.62 -2.22 13.20
CA TYR B 129 -1.55 -3.14 13.86
C TYR B 129 -0.99 -3.75 15.14
N GLU B 130 0.33 -3.76 15.23
CA GLU B 130 1.02 -4.22 16.45
C GLU B 130 0.92 -3.24 17.62
N ASP B 131 0.60 -1.98 17.34
CA ASP B 131 0.40 -0.99 18.41
C ASP B 131 -0.76 -1.40 19.31
N LYS B 132 -0.54 -1.38 20.62
CA LYS B 132 -1.50 -1.86 21.63
C LYS B 132 -2.74 -0.96 21.75
N ARG B 133 -2.66 0.24 21.18
CA ARG B 133 -3.77 1.18 21.19
C ARG B 133 -4.75 0.90 20.08
N VAL B 134 -4.39 0.03 19.15
CA VAL B 134 -5.25 -0.27 18.01
C VAL B 134 -6.34 -1.31 18.32
N ASN B 135 -7.60 -0.89 18.22
CA ASN B 135 -8.73 -1.79 18.34
C ASN B 135 -9.37 -1.96 16.97
N VAL B 136 -9.56 -3.22 16.60
CA VAL B 136 -10.02 -3.56 15.25
C VAL B 136 -11.43 -4.09 15.32
N PHE B 137 -12.33 -3.52 14.51
CA PHE B 137 -13.71 -3.97 14.42
C PHE B 137 -14.03 -4.39 12.99
N ILE B 138 -14.57 -5.60 12.83
CA ILE B 138 -14.84 -6.16 11.51
C ILE B 138 -16.32 -6.02 11.27
N GLU B 139 -16.70 -4.94 10.62
CA GLU B 139 -18.07 -4.49 10.55
C GLU B 139 -18.17 -3.53 9.38
N ASP B 140 -19.36 -3.40 8.81
CA ASP B 140 -19.65 -2.35 7.86
C ASP B 140 -19.68 -1.05 8.67
N ALA B 141 -18.87 -0.06 8.27
CA ALA B 141 -18.76 1.20 9.03
C ALA B 141 -20.09 1.93 9.14
N SER B 142 -20.93 1.77 8.13
CA SER B 142 -22.27 2.31 8.14
C SER B 142 -23.10 1.75 9.30
N LYS B 143 -22.95 0.46 9.60
CA LYS B 143 -23.59 -0.17 10.75
C LYS B 143 -22.85 0.21 12.03
N PHE B 144 -21.51 0.16 12.00
CA PHE B 144 -20.68 0.50 13.16
C PHE B 144 -21.02 1.88 13.72
N LEU B 145 -21.17 2.86 12.83
CA LEU B 145 -21.38 4.26 13.22
C LEU B 145 -22.79 4.62 13.67
N GLU B 146 -23.76 3.77 13.40
CA GLU B 146 -25.13 4.14 13.76
C GLU B 146 -25.35 4.16 15.27
N ASN B 147 -24.41 3.52 15.97
N ASN B 147 -24.46 3.53 16.03
CA ASN B 147 -24.38 3.35 17.42
CA ASN B 147 -24.59 3.57 17.48
C ASN B 147 -23.71 4.53 18.16
C ASN B 147 -23.31 4.08 18.19
N VAL B 148 -22.64 5.05 17.57
CA VAL B 148 -21.66 5.87 18.28
C VAL B 148 -21.99 7.35 18.23
N THR B 149 -21.81 8.02 19.38
CA THR B 149 -22.13 9.42 19.48
C THR B 149 -21.09 10.10 20.35
N ASN B 150 -20.62 11.27 19.92
CA ASN B 150 -19.78 12.11 20.78
C ASN B 150 -18.53 11.39 21.27
N THR B 151 -17.87 10.67 20.37
CA THR B 151 -16.76 9.81 20.75
C THR B 151 -15.42 10.23 20.14
N TYR B 152 -15.38 10.47 18.84
CA TYR B 152 -14.08 10.64 18.17
C TYR B 152 -13.64 12.07 17.98
N ASP B 153 -12.36 12.33 18.17
CA ASP B 153 -11.82 13.64 17.83
C ASP B 153 -11.56 13.81 16.35
N VAL B 154 -11.18 12.71 15.70
CA VAL B 154 -10.89 12.68 14.27
C VAL B 154 -11.43 11.37 13.69
N ILE B 155 -12.13 11.45 12.55
CA ILE B 155 -12.51 10.26 11.80
C ILE B 155 -11.91 10.40 10.40
N ILE B 156 -11.19 9.37 9.98
CA ILE B 156 -10.57 9.36 8.66
C ILE B 156 -11.27 8.28 7.87
N VAL B 157 -11.99 8.67 6.83
CA VAL B 157 -12.68 7.73 5.97
C VAL B 157 -11.77 7.34 4.80
N ASP B 158 -11.12 6.20 4.97
CA ASP B 158 -10.20 5.68 3.99
C ASP B 158 -10.86 4.46 3.36
N SER B 159 -11.88 4.70 2.56
CA SER B 159 -12.66 3.63 1.95
C SER B 159 -12.16 3.29 0.54
N SER B 160 -12.57 2.12 0.04
CA SER B 160 -12.54 1.81 -1.40
C SER B 160 -13.60 2.68 -2.09
N ASP B 161 -13.78 2.51 -3.40
CA ASP B 161 -14.66 3.36 -4.20
C ASP B 161 -16.14 2.98 -4.09
N PRO B 162 -17.06 3.88 -4.53
CA PRO B 162 -18.49 3.62 -4.31
C PRO B 162 -19.03 2.29 -4.85
N ILE B 163 -18.34 1.66 -5.80
CA ILE B 163 -18.81 0.34 -6.27
C ILE B 163 -18.13 -0.82 -5.52
N GLY B 164 -18.97 -1.62 -4.85
CA GLY B 164 -18.51 -2.63 -3.91
C GLY B 164 -18.95 -2.27 -2.49
N PRO B 165 -18.37 -2.93 -1.46
CA PRO B 165 -18.85 -2.76 -0.07
C PRO B 165 -18.89 -1.32 0.45
N ALA B 166 -18.14 -0.41 -0.18
CA ALA B 166 -18.10 1.00 0.21
C ALA B 166 -19.31 1.82 -0.23
N GLU B 167 -20.22 1.18 -0.98
CA GLU B 167 -21.42 1.85 -1.47
C GLU B 167 -22.22 2.56 -0.37
N THR B 168 -22.14 2.02 0.85
CA THR B 168 -22.85 2.56 2.03
C THR B 168 -22.23 3.83 2.64
N LEU B 169 -21.06 4.21 2.17
CA LEU B 169 -20.27 5.26 2.81
C LEU B 169 -20.26 6.58 2.06
N PHE B 170 -21.03 6.64 0.98
CA PHE B 170 -21.01 7.80 0.08
C PHE B 170 -22.34 8.53 -0.03
N ASN B 171 -23.12 8.48 1.04
CA ASN B 171 -24.43 9.11 1.07
C ASN B 171 -24.59 10.09 2.23
N GLN B 172 -25.75 10.72 2.29
CA GLN B 172 -26.04 11.76 3.27
C GLN B 172 -26.15 11.19 4.69
N ASN B 173 -26.74 10.01 4.81
CA ASN B 173 -26.90 9.30 6.07
C ASN B 173 -25.56 9.00 6.73
N PHE B 174 -24.57 8.61 5.94
CA PHE B 174 -23.25 8.32 6.47
C PHE B 174 -22.65 9.54 7.14
N TYR B 175 -22.73 10.69 6.48
CA TYR B 175 -22.17 11.92 7.05
C TYR B 175 -22.92 12.43 8.28
N GLU B 176 -24.21 12.10 8.37
CA GLU B 176 -24.95 12.37 9.62
C GLU B 176 -24.34 11.55 10.75
N LYS B 177 -24.13 10.27 10.46
CA LYS B 177 -23.51 9.32 11.38
C LYS B 177 -22.11 9.79 11.79
N ILE B 178 -21.32 10.20 10.80
CA ILE B 178 -20.00 10.79 11.07
CA ILE B 178 -20.00 10.79 11.05
C ILE B 178 -20.11 12.01 11.98
N TYR B 179 -20.98 12.95 11.59
CA TYR B 179 -21.18 14.17 12.36
C TYR B 179 -21.50 13.82 13.82
N ASN B 180 -22.47 12.94 14.01
CA ASN B 180 -22.88 12.50 15.34
C ASN B 180 -21.81 11.75 16.13
N ALA B 181 -21.01 10.93 15.45
CA ALA B 181 -19.97 10.14 16.11
C ALA B 181 -18.79 10.98 16.64
N LEU B 182 -18.64 12.19 16.10
CA LEU B 182 -17.58 13.10 16.45
C LEU B 182 -17.91 13.93 17.68
N LYS B 183 -16.85 14.34 18.37
CA LYS B 183 -16.92 15.26 19.48
C LYS B 183 -17.42 16.62 18.97
N PRO B 184 -17.85 17.53 19.89
CA PRO B 184 -18.36 18.83 19.44
C PRO B 184 -17.37 19.60 18.56
N ASN B 185 -16.08 19.40 18.80
CA ASN B 185 -15.00 20.03 18.02
C ASN B 185 -14.27 19.03 17.10
N GLY B 186 -14.90 17.90 16.79
CA GLY B 186 -14.24 16.87 15.98
C GLY B 186 -14.12 17.20 14.50
N TYR B 187 -13.26 16.44 13.81
CA TYR B 187 -13.00 16.61 12.39
C TYR B 187 -13.13 15.29 11.66
N CYS B 188 -13.61 15.35 10.44
CA CYS B 188 -13.59 14.21 9.56
C CYS B 188 -12.86 14.58 8.29
N VAL B 189 -11.99 13.68 7.82
CA VAL B 189 -11.49 13.77 6.45
C VAL B 189 -11.87 12.49 5.73
N ALA B 190 -12.20 12.65 4.45
CA ALA B 190 -12.66 11.50 3.68
C ALA B 190 -12.09 11.55 2.28
N GLN B 191 -11.75 10.36 1.79
CA GLN B 191 -11.30 10.16 0.44
C GLN B 191 -12.40 10.63 -0.52
N CYS B 192 -12.07 11.51 -1.45
CA CYS B 192 -13.07 12.14 -2.32
C CYS B 192 -12.63 12.11 -3.77
N GLU B 193 -13.53 12.40 -4.70
CA GLU B 193 -13.26 12.19 -6.13
C GLU B 193 -12.09 13.04 -6.63
N SER B 194 -11.36 12.56 -7.65
CA SER B 194 -10.36 13.36 -8.36
C SER B 194 -11.00 14.55 -9.07
N LEU B 195 -10.43 15.73 -8.84
CA LEU B 195 -10.91 16.97 -9.47
C LEU B 195 -10.84 16.93 -11.00
N TRP B 196 -10.09 15.98 -11.54
CA TRP B 196 -9.98 15.79 -13.00
C TRP B 196 -10.96 14.77 -13.55
N ILE B 197 -11.67 14.05 -12.67
CA ILE B 197 -12.55 12.96 -13.11
C ILE B 197 -14.01 13.39 -13.06
N HIS B 198 -14.50 13.77 -11.89
CA HIS B 198 -15.88 14.25 -11.80
C HIS B 198 -16.10 15.24 -10.67
N VAL B 199 -16.15 16.50 -11.09
CA VAL B 199 -16.44 17.62 -10.23
C VAL B 199 -17.84 17.53 -9.59
N GLY B 200 -18.80 16.98 -10.35
CA GLY B 200 -20.17 16.77 -9.87
C GLY B 200 -20.28 15.85 -8.67
N THR B 201 -19.53 14.75 -8.70
CA THR B 201 -19.36 13.93 -7.51
C THR B 201 -18.80 14.74 -6.32
N ILE B 202 -17.75 15.53 -6.55
CA ILE B 202 -17.16 16.39 -5.49
C ILE B 202 -18.21 17.33 -4.92
N LYS B 203 -18.91 18.02 -5.83
CA LYS B 203 -20.01 18.92 -5.49
C LYS B 203 -21.10 18.23 -4.66
N ASN B 204 -21.46 17.00 -5.04
CA ASN B 204 -22.43 16.21 -4.29
C ASN B 204 -22.01 15.97 -2.84
N MET B 205 -20.76 15.52 -2.67
CA MET B 205 -20.21 15.20 -1.35
C MET B 205 -20.07 16.46 -0.48
N ILE B 206 -19.56 17.53 -1.07
CA ILE B 206 -19.44 18.81 -0.36
C ILE B 206 -20.82 19.24 0.11
N GLY B 207 -21.82 19.03 -0.75
CA GLY B 207 -23.23 19.25 -0.44
C GLY B 207 -23.74 18.48 0.76
N TYR B 208 -23.54 17.16 0.78
CA TYR B 208 -23.93 16.33 1.92
C TYR B 208 -23.28 16.80 3.23
N ALA B 209 -21.99 17.12 3.17
CA ALA B 209 -21.24 17.57 4.35
C ALA B 209 -21.67 18.95 4.84
N LYS B 210 -22.01 19.87 3.94
CA LYS B 210 -22.35 21.24 4.34
C LYS B 210 -23.71 21.32 5.04
N LYS B 211 -24.54 20.29 4.90
CA LYS B 211 -25.82 20.21 5.63
C LYS B 211 -25.62 20.01 7.14
N LEU B 212 -24.39 19.64 7.54
CA LEU B 212 -24.11 19.25 8.91
C LEU B 212 -22.97 20.05 9.49
N PHE B 213 -21.88 20.15 8.73
CA PHE B 213 -20.63 20.76 9.22
C PHE B 213 -20.56 22.26 8.89
N LYS B 214 -20.07 23.06 9.84
CA LYS B 214 -19.95 24.51 9.62
C LYS B 214 -18.89 24.89 8.59
N LYS B 215 -17.88 24.05 8.44
CA LYS B 215 -16.76 24.30 7.52
C LYS B 215 -16.44 23.03 6.74
N VAL B 216 -16.63 23.09 5.41
CA VAL B 216 -16.30 21.99 4.51
C VAL B 216 -15.28 22.50 3.50
N GLU B 217 -14.16 21.78 3.41
CA GLU B 217 -13.08 22.17 2.51
C GLU B 217 -12.65 20.97 1.64
N TYR B 218 -11.81 21.25 0.65
CA TYR B 218 -11.36 20.21 -0.25
C TYR B 218 -9.87 20.37 -0.56
N ALA B 219 -9.13 19.27 -0.45
CA ALA B 219 -7.71 19.27 -0.71
C ALA B 219 -7.38 18.27 -1.80
N ASN B 220 -6.25 18.50 -2.46
CA ASN B 220 -5.78 17.60 -3.50
C ASN B 220 -4.45 16.97 -3.10
N ILE B 221 -4.32 15.66 -3.36
CA ILE B 221 -3.10 14.88 -3.17
C ILE B 221 -2.57 14.42 -4.52
N SER B 222 -1.29 14.65 -4.79
CA SER B 222 -0.63 14.10 -5.96
C SER B 222 -0.22 12.68 -5.63
N ILE B 223 -0.75 11.73 -6.37
CA ILE B 223 -0.45 10.32 -6.18
C ILE B 223 -0.64 9.61 -7.53
N PRO B 224 0.46 9.18 -8.16
CA PRO B 224 0.41 8.77 -9.57
C PRO B 224 -0.45 7.55 -9.92
N THR B 225 -0.68 6.65 -8.96
CA THR B 225 -1.39 5.39 -9.27
C THR B 225 -2.88 5.41 -8.96
N TYR B 226 -3.43 6.56 -8.57
CA TYR B 226 -4.88 6.74 -8.60
C TYR B 226 -5.24 7.40 -9.93
N PRO B 227 -6.43 7.10 -10.49
CA PRO B 227 -6.67 7.58 -11.85
C PRO B 227 -6.61 9.11 -11.91
N CYS B 228 -5.92 9.65 -12.91
CA CYS B 228 -5.73 11.11 -13.10
C CYS B 228 -4.57 11.65 -12.23
N GLY B 229 -3.98 10.76 -11.43
CA GLY B 229 -2.74 11.05 -10.73
C GLY B 229 -2.95 11.85 -9.47
N CYS B 230 -4.21 11.95 -9.03
CA CYS B 230 -4.53 12.69 -7.80
C CYS B 230 -5.81 12.20 -7.15
N ILE B 231 -6.00 12.54 -5.88
CA ILE B 231 -7.23 12.21 -5.20
C ILE B 231 -7.55 13.35 -4.26
N GLY B 232 -8.82 13.53 -3.99
CA GLY B 232 -9.27 14.63 -3.14
C GLY B 232 -9.39 14.20 -1.70
N ILE B 233 -9.38 15.19 -0.81
CA ILE B 233 -9.74 14.98 0.56
C ILE B 233 -10.89 15.88 0.87
N LEU B 234 -12.00 15.30 1.30
CA LEU B 234 -13.14 16.09 1.75
C LEU B 234 -12.90 16.36 3.24
N CYS B 235 -12.86 17.64 3.61
CA CYS B 235 -12.43 18.03 4.94
C CYS B 235 -13.60 18.71 5.67
N CYS B 236 -13.98 18.14 6.83
CA CYS B 236 -15.23 18.50 7.52
C CYS B 236 -14.91 18.93 8.94
N SER B 237 -15.32 20.14 9.29
CA SER B 237 -15.02 20.72 10.60
C SER B 237 -16.31 21.22 11.24
N LYS B 238 -16.44 21.04 12.56
CA LYS B 238 -17.64 21.50 13.26
C LYS B 238 -17.42 22.94 13.71
N THR B 239 -16.13 23.31 13.77
CA THR B 239 -15.71 24.65 14.11
C THR B 239 -15.68 25.46 12.82
N ASP B 240 -15.53 26.78 12.94
CA ASP B 240 -15.50 27.66 11.78
C ASP B 240 -14.07 27.88 11.26
N THR B 241 -13.10 27.28 11.93
CA THR B 241 -11.68 27.49 11.64
C THR B 241 -11.14 26.58 10.51
N GLY B 242 -11.75 25.41 10.36
CA GLY B 242 -11.41 24.49 9.26
C GLY B 242 -10.08 23.78 9.37
N LEU B 243 -9.65 23.20 8.27
CA LEU B 243 -8.50 22.30 8.28
C LEU B 243 -7.34 22.70 7.38
N THR B 244 -7.33 23.96 6.91
CA THR B 244 -6.29 24.39 5.98
C THR B 244 -4.99 24.83 6.64
N LYS B 245 -5.05 25.18 7.91
CA LYS B 245 -3.84 25.62 8.61
C LYS B 245 -3.53 24.70 9.79
N PRO B 246 -2.31 24.12 9.81
CA PRO B 246 -1.88 23.29 10.93
C PRO B 246 -1.61 24.15 12.17
N ASN B 247 -1.93 23.60 13.34
CA ASN B 247 -1.70 24.25 14.64
C ASN B 247 -0.39 23.82 15.28
N LYS B 248 0.24 22.82 14.67
CA LYS B 248 1.46 22.26 15.20
C LYS B 248 2.35 21.78 14.06
N LYS B 249 3.65 21.77 14.33
CA LYS B 249 4.64 21.24 13.42
C LYS B 249 5.06 19.86 13.91
N LEU B 250 5.36 18.98 12.96
CA LEU B 250 5.73 17.62 13.28
C LEU B 250 7.24 17.47 13.37
N GLU B 251 7.77 17.83 14.54
CA GLU B 251 9.20 18.01 14.78
C GLU B 251 9.85 16.88 15.58
N SER B 252 9.04 16.07 16.25
CA SER B 252 9.54 14.96 17.05
C SER B 252 10.02 13.81 16.17
N LYS B 253 10.86 12.95 16.73
CA LYS B 253 11.54 11.89 15.97
C LYS B 253 10.65 10.93 15.18
N GLU B 254 9.42 10.69 15.66
CA GLU B 254 8.53 9.76 14.96
C GLU B 254 8.02 10.29 13.63
N PHE B 255 8.22 11.58 13.37
CA PHE B 255 7.80 12.23 12.14
C PHE B 255 8.97 12.54 11.21
N ALA B 256 10.16 12.11 11.59
CA ALA B 256 11.37 12.39 10.83
C ALA B 256 11.39 11.72 9.45
N ASP B 257 10.74 10.55 9.36
CA ASP B 257 10.78 9.83 8.08
CA ASP B 257 10.64 9.73 8.17
C ASP B 257 9.62 10.23 7.14
N LEU B 258 8.95 11.36 7.43
CA LEU B 258 7.85 11.79 6.57
C LEU B 258 8.38 12.04 5.16
N LYS B 259 7.67 11.48 4.18
CA LYS B 259 8.11 11.51 2.79
C LYS B 259 7.32 12.46 1.86
N TYR B 260 6.18 12.98 2.29
CA TYR B 260 5.39 13.89 1.45
C TYR B 260 4.93 15.10 2.27
N TYR B 261 4.18 14.84 3.34
CA TYR B 261 3.62 15.90 4.16
C TYR B 261 4.69 16.79 4.75
N ASN B 262 4.43 18.10 4.74
CA ASN B 262 5.13 19.06 5.61
C ASN B 262 4.21 20.24 5.93
N TYR B 263 4.65 21.09 6.85
CA TYR B 263 3.90 22.27 7.26
C TYR B 263 3.37 23.12 6.09
N GLU B 264 4.25 23.39 5.13
CA GLU B 264 3.93 24.26 4.00
C GLU B 264 2.95 23.62 3.01
N ASN B 265 3.15 22.35 2.68
CA ASN B 265 2.32 21.72 1.65
C ASN B 265 0.97 21.23 2.17
N HIS B 266 0.83 21.23 3.49
CA HIS B 266 -0.47 21.11 4.16
C HIS B 266 -1.46 22.13 3.60
N SER B 267 -1.13 23.42 3.71
CA SER B 267 -2.00 24.49 3.23
CA SER B 267 -2.02 24.48 3.22
C SER B 267 -2.06 24.58 1.70
N ALA B 268 -0.95 24.23 1.05
CA ALA B 268 -0.85 24.23 -0.42
C ALA B 268 -1.85 23.25 -1.09
N ALA B 269 -2.19 22.18 -0.37
CA ALA B 269 -3.07 21.16 -0.88
C ALA B 269 -4.50 21.63 -1.10
N PHE B 270 -4.90 22.69 -0.37
CA PHE B 270 -6.22 23.33 -0.49
C PHE B 270 -6.22 24.47 -1.53
N LYS B 271 -5.08 24.74 -2.16
CA LYS B 271 -5.02 25.76 -3.20
C LYS B 271 -5.32 25.09 -4.53
N LEU B 272 -6.56 25.22 -4.98
CA LEU B 272 -7.07 24.37 -6.06
C LEU B 272 -7.14 25.09 -7.41
N PRO B 273 -7.03 24.31 -8.52
CA PRO B 273 -7.20 24.95 -9.83
C PRO B 273 -8.45 25.85 -9.88
N ALA B 274 -8.31 27.01 -10.53
CA ALA B 274 -9.37 28.03 -10.61
C ALA B 274 -10.71 27.48 -11.10
N PHE B 275 -10.70 26.54 -12.04
CA PHE B 275 -11.97 25.94 -12.52
C PHE B 275 -12.77 25.25 -11.40
N LEU B 276 -12.07 24.57 -10.47
CA LEU B 276 -12.71 23.84 -9.38
C LEU B 276 -13.28 24.78 -8.31
N LEU B 277 -12.49 25.78 -7.95
CA LEU B 277 -12.93 26.86 -7.07
C LEU B 277 -14.24 27.46 -7.55
N LYS B 278 -14.32 27.74 -8.84
CA LYS B 278 -15.51 28.29 -9.45
C LYS B 278 -16.67 27.32 -9.30
N GLU B 279 -16.47 26.06 -9.67
CA GLU B 279 -17.53 25.05 -9.59
C GLU B 279 -18.03 24.74 -8.17
N ILE B 280 -17.13 24.76 -7.18
CA ILE B 280 -17.56 24.46 -5.81
C ILE B 280 -18.12 25.68 -5.05
N GLU B 281 -17.74 26.89 -5.48
CA GLU B 281 -18.38 28.12 -5.00
C GLU B 281 -19.78 28.23 -5.62
N ASN B 282 -19.83 28.20 -6.96
CA ASN B 282 -21.07 28.14 -7.72
C ASN B 282 -21.61 26.71 -7.77
N LYS C 3 -13.77 -0.23 -30.34
CA LYS C 3 -12.84 0.95 -30.28
C LYS C 3 -11.45 0.53 -29.79
N LYS C 4 -10.43 1.15 -30.37
CA LYS C 4 -9.04 0.91 -29.98
C LYS C 4 -8.62 1.86 -28.86
N TRP C 5 -7.53 1.51 -28.20
CA TRP C 5 -6.94 2.34 -27.16
C TRP C 5 -5.61 2.85 -27.66
N PHE C 6 -5.31 4.12 -27.34
CA PHE C 6 -3.94 4.57 -27.47
C PHE C 6 -3.22 4.40 -26.13
N SER C 7 -2.05 3.76 -26.15
CA SER C 7 -1.26 3.54 -24.94
C SER C 7 0.09 4.25 -25.01
N GLU C 8 0.45 4.92 -23.92
CA GLU C 8 1.70 5.68 -23.89
C GLU C 8 2.81 4.89 -23.15
N PHE C 9 3.46 4.02 -23.88
CA PHE C 9 4.60 3.25 -23.38
C PHE C 9 5.84 4.05 -23.71
N SER C 10 6.79 4.11 -22.77
CA SER C 10 8.09 4.71 -23.01
C SER C 10 9.18 4.15 -22.07
N ILE C 11 10.41 4.07 -22.57
CA ILE C 11 11.58 3.79 -21.72
C ILE C 11 11.82 4.89 -20.67
N MET C 12 11.29 6.09 -20.91
CA MET C 12 11.37 7.22 -19.98
C MET C 12 10.48 7.05 -18.73
N TRP C 13 9.52 6.14 -18.82
CA TRP C 13 8.71 5.74 -17.66
C TRP C 13 8.39 4.24 -17.69
N PRO C 14 9.40 3.39 -17.40
CA PRO C 14 9.23 1.95 -17.59
C PRO C 14 8.22 1.35 -16.61
N GLY C 15 7.49 0.32 -17.05
CA GLY C 15 6.58 -0.41 -16.15
C GLY C 15 5.25 0.25 -15.88
N GLN C 16 4.96 1.34 -16.58
CA GLN C 16 3.69 2.04 -16.44
C GLN C 16 3.21 2.57 -17.78
N ALA C 17 1.89 2.65 -17.94
CA ALA C 17 1.32 3.31 -19.12
C ALA C 17 -0.06 3.88 -18.86
N PHE C 18 -0.29 5.07 -19.39
CA PHE C 18 -1.59 5.66 -19.41
C PHE C 18 -2.17 5.40 -20.82
N SER C 19 -3.46 5.06 -20.87
CA SER C 19 -4.18 4.78 -22.11
C SER C 19 -5.41 5.66 -22.22
N LEU C 20 -5.78 5.97 -23.46
CA LEU C 20 -6.97 6.75 -23.77
C LEU C 20 -7.71 6.03 -24.88
N LYS C 21 -9.03 5.88 -24.72
CA LYS C 21 -9.87 5.27 -25.75
C LYS C 21 -10.02 6.21 -26.94
N ILE C 22 -9.75 5.69 -28.13
CA ILE C 22 -9.82 6.46 -29.39
C ILE C 22 -11.23 6.50 -29.97
N LYS C 23 -11.73 7.71 -30.22
CA LYS C 23 -12.98 7.90 -30.97
C LYS C 23 -12.66 7.72 -32.45
N LYS C 24 -11.76 8.56 -32.97
CA LYS C 24 -11.18 8.39 -34.31
C LYS C 24 -9.77 8.97 -34.43
N ILE C 25 -8.94 8.28 -35.21
CA ILE C 25 -7.64 8.77 -35.63
C ILE C 25 -7.86 9.88 -36.65
N LEU C 26 -7.22 11.02 -36.43
CA LEU C 26 -7.45 12.17 -37.29
C LEU C 26 -6.33 12.43 -38.29
N TYR C 27 -5.10 12.13 -37.87
CA TYR C 27 -3.89 12.48 -38.61
C TYR C 27 -2.69 11.68 -38.11
N GLU C 28 -1.94 11.07 -39.04
CA GLU C 28 -0.68 10.41 -38.72
C GLU C 28 0.32 10.72 -39.82
N THR C 29 1.54 11.06 -39.44
CA THR C 29 2.59 11.38 -40.42
C THR C 29 3.97 11.33 -39.77
N LYS C 30 4.99 11.09 -40.59
CA LYS C 30 6.37 11.22 -40.16
C LYS C 30 6.89 12.52 -40.75
N SER C 31 7.19 13.49 -39.87
CA SER C 31 7.77 14.76 -40.30
C SER C 31 9.28 14.57 -40.53
N LYS C 32 10.00 15.66 -40.75
CA LYS C 32 11.46 15.58 -40.84
C LYS C 32 12.08 15.12 -39.52
N TYR C 33 11.36 15.35 -38.41
CA TYR C 33 11.91 15.15 -37.06
C TYR C 33 11.25 14.08 -36.24
N GLN C 34 9.95 13.91 -36.40
CA GLN C 34 9.21 13.02 -35.50
C GLN C 34 7.93 12.41 -36.07
N ASN C 35 7.45 11.36 -35.40
CA ASN C 35 6.15 10.76 -35.70
C ASN C 35 5.03 11.56 -35.08
N VAL C 36 4.12 12.06 -35.92
CA VAL C 36 3.02 12.92 -35.49
C VAL C 36 1.70 12.16 -35.57
N LEU C 37 0.98 12.11 -34.44
CA LEU C 37 -0.36 11.52 -34.36
C LEU C 37 -1.33 12.46 -33.69
N VAL C 38 -2.46 12.70 -34.34
CA VAL C 38 -3.58 13.36 -33.69
C VAL C 38 -4.74 12.41 -33.71
N PHE C 39 -5.39 12.27 -32.56
CA PHE C 39 -6.59 11.49 -32.50
C PHE C 39 -7.60 12.17 -31.60
N GLU C 40 -8.87 11.91 -31.86
CA GLU C 40 -9.91 12.29 -30.91
C GLU C 40 -10.12 11.17 -29.88
N SER C 41 -9.88 11.49 -28.59
CA SER C 41 -10.14 10.53 -27.53
C SER C 41 -11.62 10.61 -27.18
N THR C 42 -12.15 9.59 -26.50
CA THR C 42 -13.54 9.59 -26.08
C THR C 42 -13.85 10.58 -24.95
N THR C 43 -12.88 10.88 -24.10
CA THR C 43 -13.20 11.76 -22.96
C THR C 43 -12.25 12.93 -22.70
N TYR C 44 -11.16 13.00 -23.46
CA TYR C 44 -10.19 14.09 -23.32
C TYR C 44 -10.13 15.03 -24.54
N GLY C 45 -11.07 14.86 -25.46
CA GLY C 45 -11.06 15.61 -26.71
C GLY C 45 -9.95 15.16 -27.63
N LYS C 46 -9.52 16.06 -28.51
CA LYS C 46 -8.36 15.78 -29.35
C LYS C 46 -7.02 15.75 -28.58
N VAL C 47 -6.14 14.87 -29.04
CA VAL C 47 -4.86 14.57 -28.40
C VAL C 47 -3.75 14.70 -29.43
N LEU C 48 -2.70 15.45 -29.07
CA LEU C 48 -1.52 15.53 -29.90
C LEU C 48 -0.41 14.63 -29.36
N VAL C 49 0.09 13.75 -30.22
CA VAL C 49 1.12 12.79 -29.84
C VAL C 49 2.38 12.96 -30.71
N LEU C 50 3.53 13.07 -30.04
CA LEU C 50 4.81 13.13 -30.72
C LEU C 50 5.70 12.00 -30.28
N ASP C 51 6.19 11.23 -31.25
CA ASP C 51 7.04 10.06 -31.00
C ASP C 51 6.45 9.11 -29.94
N GLY C 52 5.13 8.95 -29.98
CA GLY C 52 4.41 8.04 -29.09
C GLY C 52 4.11 8.67 -27.73
N VAL C 53 4.49 9.94 -27.57
CA VAL C 53 4.32 10.63 -26.27
C VAL C 53 3.25 11.69 -26.38
N ILE C 54 2.32 11.68 -25.45
CA ILE C 54 1.28 12.69 -25.37
C ILE C 54 1.84 14.08 -25.11
N GLN C 55 1.54 14.99 -26.03
CA GLN C 55 1.95 16.38 -25.92
C GLN C 55 0.87 17.19 -25.22
N LEU C 56 -0.38 16.92 -25.55
CA LEU C 56 -1.51 17.61 -24.96
C LEU C 56 -2.83 16.95 -25.33
N THR C 57 -3.85 17.29 -24.55
CA THR C 57 -5.23 16.92 -24.84
C THR C 57 -5.98 18.22 -24.63
N GLU C 58 -7.11 18.36 -25.32
CA GLU C 58 -7.96 19.53 -25.18
C GLU C 58 -8.46 19.77 -23.75
N LYS C 59 -8.81 18.69 -23.06
CA LYS C 59 -9.44 18.74 -21.75
C LYS C 59 -8.52 19.39 -20.67
N ASP C 60 -7.22 19.09 -20.69
CA ASP C 60 -6.37 19.53 -19.55
C ASP C 60 -5.21 20.44 -19.93
N GLU C 61 -5.06 20.75 -21.23
CA GLU C 61 -3.88 21.50 -21.69
C GLU C 61 -3.73 22.86 -20.99
N PHE C 62 -4.85 23.47 -20.58
CA PHE C 62 -4.80 24.77 -19.92
C PHE C 62 -3.95 24.75 -18.66
N ALA C 63 -3.90 23.61 -17.96
CA ALA C 63 -3.17 23.50 -16.68
C ALA C 63 -1.69 23.83 -16.88
N TYR C 64 -1.11 23.16 -17.86
CA TYR C 64 0.27 23.31 -18.25
C TYR C 64 0.55 24.63 -18.92
N HIS C 65 -0.25 25.01 -19.94
CA HIS C 65 0.04 26.27 -20.63
C HIS C 65 -0.07 27.50 -19.75
N GLU C 66 -1.06 27.49 -18.84
CA GLU C 66 -1.29 28.59 -17.91
C GLU C 66 -0.18 28.71 -16.83
N MET C 67 0.22 27.58 -16.26
CA MET C 67 1.24 27.62 -15.19
C MET C 67 2.60 28.02 -15.71
N MET C 68 2.95 27.46 -16.85
CA MET C 68 4.19 27.73 -17.52
C MET C 68 4.31 29.14 -18.02
N THR C 69 3.18 29.77 -18.35
CA THR C 69 3.24 31.09 -18.92
C THR C 69 3.14 32.09 -17.79
N HIS C 70 2.16 31.91 -16.92
CA HIS C 70 1.80 33.02 -16.04
C HIS C 70 2.67 33.04 -14.78
N VAL C 71 3.41 31.96 -14.50
CA VAL C 71 4.39 32.02 -13.42
C VAL C 71 5.48 33.08 -13.68
N PRO C 72 6.24 32.98 -14.79
CA PRO C 72 7.25 34.01 -15.08
C PRO C 72 6.67 35.39 -15.46
N MET C 73 5.51 35.40 -16.11
CA MET C 73 4.91 36.62 -16.63
C MET C 73 4.28 37.50 -15.57
N THR C 74 3.92 36.91 -14.44
CA THR C 74 3.45 37.70 -13.29
C THR C 74 4.59 38.13 -12.37
N VAL C 75 5.76 37.52 -12.54
CA VAL C 75 6.95 37.89 -11.79
C VAL C 75 7.81 38.96 -12.51
N SER C 76 8.09 38.76 -13.79
CA SER C 76 8.77 39.77 -14.60
C SER C 76 7.93 41.05 -14.52
N LYS C 77 8.59 42.18 -14.24
CA LYS C 77 7.86 43.44 -13.98
C LYS C 77 7.17 44.00 -15.23
N GLU C 78 7.96 44.29 -16.26
CA GLU C 78 7.39 44.77 -17.51
C GLU C 78 7.99 43.95 -18.66
N PRO C 79 7.61 42.66 -18.78
CA PRO C 79 8.21 41.84 -19.85
C PRO C 79 7.77 42.33 -21.22
N LYS C 80 8.72 42.63 -22.11
CA LYS C 80 8.34 43.17 -23.43
C LYS C 80 8.61 42.22 -24.57
N ASN C 81 9.67 41.42 -24.45
CA ASN C 81 10.08 40.50 -25.53
C ASN C 81 10.26 39.11 -24.94
N VAL C 82 9.44 38.17 -25.42
CA VAL C 82 9.39 36.83 -24.85
C VAL C 82 9.79 35.85 -25.94
N LEU C 83 10.61 34.88 -25.58
CA LEU C 83 10.88 33.75 -26.45
C LEU C 83 10.19 32.47 -25.94
N VAL C 84 9.52 31.76 -26.86
CA VAL C 84 9.07 30.40 -26.58
C VAL C 84 9.99 29.43 -27.32
N VAL C 85 10.55 28.49 -26.58
CA VAL C 85 11.33 27.41 -27.18
C VAL C 85 10.44 26.19 -27.34
N GLY C 86 10.39 25.61 -28.53
CA GLY C 86 9.42 24.56 -28.77
C GLY C 86 8.04 25.18 -28.90
N GLY C 87 7.06 24.61 -28.21
CA GLY C 87 5.74 25.23 -28.13
C GLY C 87 4.95 25.28 -29.44
N GLY C 88 5.23 24.34 -30.35
CA GLY C 88 4.65 24.36 -31.70
C GLY C 88 3.14 24.44 -31.76
N ASP C 89 2.48 23.84 -30.79
CA ASP C 89 1.02 23.86 -30.71
C ASP C 89 0.42 25.24 -30.44
N GLY C 90 1.22 26.16 -29.91
CA GLY C 90 0.80 27.54 -29.72
C GLY C 90 0.20 27.88 -28.36
N GLY C 91 0.06 26.89 -27.50
CA GLY C 91 -0.61 27.11 -26.22
C GLY C 91 0.03 28.19 -25.36
N ILE C 92 1.36 28.16 -25.27
CA ILE C 92 2.12 29.22 -24.57
C ILE C 92 1.89 30.58 -25.24
N ILE C 93 1.97 30.60 -26.57
CA ILE C 93 1.70 31.82 -27.34
C ILE C 93 0.33 32.38 -27.00
N ARG C 94 -0.68 31.52 -27.04
CA ARG C 94 -2.05 31.93 -26.71
C ARG C 94 -2.08 32.63 -25.34
N GLU C 95 -1.42 32.04 -24.35
CA GLU C 95 -1.38 32.62 -23.01
C GLU C 95 -0.62 33.95 -22.94
N LEU C 96 0.50 34.03 -23.65
CA LEU C 96 1.29 35.26 -23.76
C LEU C 96 0.54 36.40 -24.43
N CYS C 97 -0.25 36.12 -25.47
CA CYS C 97 -0.98 37.16 -26.17
C CYS C 97 -1.98 37.89 -25.28
N LYS C 98 -2.34 37.28 -24.15
CA LYS C 98 -3.28 37.88 -23.19
C LYS C 98 -2.69 39.12 -22.50
N TYR C 99 -1.36 39.21 -22.51
CA TYR C 99 -0.66 40.39 -22.00
C TYR C 99 -0.55 41.43 -23.10
N LYS C 100 -1.35 42.50 -22.99
CA LYS C 100 -1.39 43.53 -24.03
C LYS C 100 -0.06 44.27 -24.09
N SER C 101 0.62 44.38 -22.95
CA SER C 101 1.88 45.12 -22.87
C SER C 101 3.10 44.42 -23.49
N VAL C 102 2.98 43.11 -23.75
CA VAL C 102 4.03 42.40 -24.46
C VAL C 102 4.16 43.03 -25.84
N GLU C 103 5.39 43.30 -26.25
CA GLU C 103 5.63 43.89 -27.56
C GLU C 103 6.03 42.89 -28.64
N ASN C 104 6.75 41.83 -28.27
CA ASN C 104 7.20 40.84 -29.26
C ASN C 104 7.19 39.45 -28.69
N ILE C 105 6.76 38.47 -29.49
CA ILE C 105 6.83 37.08 -29.10
C ILE C 105 7.53 36.31 -30.21
N ASP C 106 8.72 35.82 -29.89
CA ASP C 106 9.42 34.96 -30.82
C ASP C 106 9.12 33.52 -30.44
N ILE C 107 8.94 32.67 -31.42
CA ILE C 107 8.89 31.27 -31.13
C ILE C 107 9.88 30.52 -32.01
N CYS C 108 10.68 29.67 -31.39
CA CYS C 108 11.61 28.80 -32.11
C CYS C 108 11.22 27.34 -31.94
N GLU C 109 10.66 26.79 -33.03
CA GLU C 109 10.12 25.44 -33.09
C GLU C 109 10.84 24.72 -34.23
N ILE C 110 11.41 23.55 -33.94
CA ILE C 110 12.21 22.81 -34.91
C ILE C 110 11.37 22.16 -36.02
N ASP C 111 10.12 21.85 -35.70
CA ASP C 111 9.27 21.05 -36.56
C ASP C 111 8.03 21.83 -37.02
N GLU C 112 8.13 22.44 -38.21
CA GLU C 112 7.01 23.23 -38.75
C GLU C 112 5.73 22.46 -38.96
N THR C 113 5.83 21.16 -39.16
CA THR C 113 4.68 20.27 -39.23
C THR C 113 3.80 20.33 -37.98
N VAL C 114 4.43 20.39 -36.79
CA VAL C 114 3.68 20.55 -35.54
C VAL C 114 2.83 21.81 -35.58
N ILE C 115 3.38 22.91 -36.08
CA ILE C 115 2.60 24.15 -36.25
C ILE C 115 1.43 23.99 -37.25
N GLU C 116 1.71 23.41 -38.41
CA GLU C 116 0.64 23.19 -39.40
C GLU C 116 -0.50 22.36 -38.80
N VAL C 117 -0.13 21.24 -38.17
CA VAL C 117 -1.06 20.31 -37.56
C VAL C 117 -1.90 20.95 -36.45
N SER C 118 -1.29 21.87 -35.70
CA SER C 118 -1.99 22.55 -34.61
CA SER C 118 -1.99 22.56 -34.61
C SER C 118 -2.98 23.58 -35.15
N LYS C 119 -2.68 24.14 -36.32
CA LYS C 119 -3.57 25.09 -36.99
C LYS C 119 -4.81 24.38 -37.56
N ILE C 120 -4.63 23.13 -37.96
CA ILE C 120 -5.69 22.28 -38.48
C ILE C 120 -6.59 21.70 -37.39
N TYR C 121 -5.99 21.08 -36.36
CA TYR C 121 -6.74 20.28 -35.39
C TYR C 121 -6.85 20.91 -33.97
N PHE C 122 -6.20 22.03 -33.73
CA PHE C 122 -6.19 22.59 -32.37
C PHE C 122 -6.32 24.10 -32.37
N LYS C 123 -7.37 24.60 -33.02
CA LYS C 123 -7.60 26.03 -33.21
C LYS C 123 -7.83 26.82 -31.91
N ASN C 124 -8.32 26.17 -30.85
CA ASN C 124 -8.40 26.81 -29.52
C ASN C 124 -7.03 26.95 -28.85
N ILE C 125 -6.03 26.29 -29.42
CA ILE C 125 -4.68 26.28 -28.86
C ILE C 125 -3.72 27.11 -29.71
N SER C 126 -3.87 27.01 -31.03
CA SER C 126 -2.97 27.67 -31.98
C SER C 126 -3.48 29.05 -32.45
N CYS C 127 -4.50 29.57 -31.80
CA CYS C 127 -5.13 30.83 -32.19
C CYS C 127 -4.21 32.07 -32.14
N GLY C 128 -3.15 32.01 -31.34
CA GLY C 128 -2.23 33.15 -31.21
C GLY C 128 -1.26 33.35 -32.37
N TYR C 129 -1.15 32.38 -33.27
CA TYR C 129 -0.24 32.54 -34.42
C TYR C 129 -0.64 33.73 -35.28
N GLU C 130 -1.89 34.17 -35.08
CA GLU C 130 -2.46 35.27 -35.83
C GLU C 130 -2.15 36.62 -35.20
N ASP C 131 -1.57 36.61 -34.01
CA ASP C 131 -1.22 37.86 -33.35
C ASP C 131 -0.07 38.49 -34.14
N LYS C 132 -0.17 39.79 -34.41
CA LYS C 132 0.86 40.51 -35.16
C LYS C 132 2.22 40.56 -34.45
N ARG C 133 2.21 40.38 -33.12
CA ARG C 133 3.43 40.38 -32.30
C ARG C 133 4.23 39.08 -32.38
N VAL C 134 3.65 38.06 -33.02
CA VAL C 134 4.25 36.73 -33.04
C VAL C 134 5.15 36.49 -34.25
N ASN C 135 6.39 36.11 -33.98
CA ASN C 135 7.38 35.81 -35.01
C ASN C 135 7.89 34.39 -34.95
N VAL C 136 7.78 33.66 -36.05
CA VAL C 136 8.05 32.24 -36.06
C VAL C 136 9.41 31.88 -36.70
N PHE C 137 10.20 31.08 -35.99
CA PHE C 137 11.47 30.59 -36.52
C PHE C 137 11.46 29.08 -36.50
N ILE C 138 11.75 28.50 -37.65
CA ILE C 138 11.85 27.05 -37.77
C ILE C 138 13.31 26.65 -37.70
N GLU C 139 13.72 26.17 -36.52
CA GLU C 139 15.12 26.05 -36.17
C GLU C 139 15.23 25.25 -34.87
N ASP C 140 16.31 24.48 -34.74
CA ASP C 140 16.69 23.90 -33.44
C ASP C 140 17.01 25.13 -32.58
N ALA C 141 16.35 25.23 -31.44
CA ALA C 141 16.53 26.38 -30.53
C ALA C 141 17.95 26.47 -29.99
N SER C 142 18.65 25.34 -30.02
CA SER C 142 20.04 25.27 -29.61
C SER C 142 20.96 26.04 -30.59
N LYS C 143 20.63 25.98 -31.88
CA LYS C 143 21.31 26.74 -32.92
C LYS C 143 20.84 28.20 -32.91
N PHE C 144 19.53 28.38 -32.77
CA PHE C 144 18.89 29.70 -32.77
C PHE C 144 19.51 30.63 -31.74
N LEU C 145 19.74 30.11 -30.54
CA LEU C 145 20.22 30.93 -29.42
C LEU C 145 21.73 31.21 -29.40
N GLU C 146 22.49 30.58 -30.29
CA GLU C 146 23.89 30.94 -30.52
C GLU C 146 23.94 32.41 -30.95
N ASN C 147 24.71 33.19 -30.21
CA ASN C 147 24.83 34.63 -30.53
C ASN C 147 23.49 35.44 -30.52
N VAL C 148 22.56 35.02 -29.66
CA VAL C 148 21.46 35.88 -29.23
C VAL C 148 21.81 36.31 -27.81
N THR C 149 21.87 37.63 -27.60
CA THR C 149 22.44 38.19 -26.37
C THR C 149 21.57 39.31 -25.84
N ASN C 150 21.23 39.26 -24.55
CA ASN C 150 20.67 40.42 -23.88
C ASN C 150 19.37 40.91 -24.55
N THR C 151 18.49 39.95 -24.87
CA THR C 151 17.35 40.19 -25.74
C THR C 151 15.98 39.94 -25.10
N TYR C 152 15.84 38.85 -24.35
CA TYR C 152 14.55 38.47 -23.80
C TYR C 152 14.38 38.75 -22.33
N ASP C 153 13.17 39.15 -21.98
CA ASP C 153 12.77 39.32 -20.58
C ASP C 153 12.39 37.97 -19.98
N VAL C 154 11.78 37.13 -20.81
CA VAL C 154 11.31 35.81 -20.37
C VAL C 154 11.61 34.82 -21.50
N ILE C 155 12.13 33.65 -21.12
CA ILE C 155 12.24 32.52 -22.05
C ILE C 155 11.45 31.35 -21.49
N ILE C 156 10.53 30.79 -22.30
CA ILE C 156 9.71 29.68 -21.85
C ILE C 156 10.09 28.46 -22.70
N VAL C 157 10.65 27.42 -22.08
CA VAL C 157 11.09 26.22 -22.83
C VAL C 157 9.99 25.18 -22.73
N ASP C 158 9.09 25.22 -23.71
CA ASP C 158 8.02 24.28 -23.75
C ASP C 158 8.39 23.17 -24.73
N SER C 159 9.18 22.24 -24.24
CA SER C 159 9.76 21.21 -25.09
C SER C 159 9.03 19.87 -24.97
N SER C 160 9.24 19.04 -25.97
CA SER C 160 8.96 17.62 -25.86
C SER C 160 10.04 17.02 -24.98
N ASP C 161 9.96 15.72 -24.71
CA ASP C 161 10.93 15.06 -23.84
C ASP C 161 12.33 14.92 -24.45
N PRO C 162 13.33 14.55 -23.61
CA PRO C 162 14.73 14.48 -24.07
C PRO C 162 15.03 13.45 -25.18
N ILE C 163 14.14 12.49 -25.42
CA ILE C 163 14.29 11.55 -26.54
C ILE C 163 13.58 12.09 -27.78
N GLY C 164 14.35 12.38 -28.83
CA GLY C 164 13.84 13.09 -30.00
C GLY C 164 14.61 14.40 -30.19
N PRO C 165 14.06 15.33 -30.99
CA PRO C 165 14.78 16.59 -31.27
C PRO C 165 15.09 17.46 -30.03
N ALA C 166 14.38 17.21 -28.93
CA ALA C 166 14.60 18.00 -27.70
C ALA C 166 15.84 17.59 -26.92
N GLU C 167 16.56 16.57 -27.39
CA GLU C 167 17.82 16.13 -26.75
C GLU C 167 18.82 17.27 -26.56
N THR C 168 18.87 18.19 -27.51
CA THR C 168 19.78 19.34 -27.46
C THR C 168 19.35 20.42 -26.45
N LEU C 169 18.21 20.23 -25.79
CA LEU C 169 17.67 21.26 -24.88
C LEU C 169 17.84 20.90 -23.42
N PHE C 170 18.35 19.71 -23.16
CA PHE C 170 18.45 19.17 -21.81
C PHE C 170 19.91 18.99 -21.38
N ASN C 171 20.68 20.06 -21.51
CA ASN C 171 22.08 20.06 -21.11
C ASN C 171 22.56 21.43 -20.62
N GLN C 172 23.80 21.46 -20.18
CA GLN C 172 24.39 22.64 -19.59
C GLN C 172 24.59 23.70 -20.66
N ASN C 173 25.02 23.24 -21.83
CA ASN C 173 25.26 24.13 -22.96
C ASN C 173 24.05 24.97 -23.35
N PHE C 174 22.88 24.34 -23.43
CA PHE C 174 21.68 25.06 -23.80
C PHE C 174 21.36 26.13 -22.76
N TYR C 175 21.61 25.80 -21.50
CA TYR C 175 21.32 26.74 -20.42
C TYR C 175 22.25 27.95 -20.39
N GLU C 176 23.48 27.74 -20.86
CA GLU C 176 24.45 28.81 -21.04
C GLU C 176 23.94 29.82 -22.06
N LYS C 177 23.33 29.31 -23.13
CA LYS C 177 22.72 30.12 -24.18
C LYS C 177 21.44 30.81 -23.73
N ILE C 178 20.59 30.09 -22.98
CA ILE C 178 19.40 30.73 -22.42
C ILE C 178 19.84 31.89 -21.54
N TYR C 179 20.80 31.64 -20.67
CA TYR C 179 21.28 32.68 -19.73
C TYR C 179 21.75 33.95 -20.47
N ASN C 180 22.54 33.73 -21.52
CA ASN C 180 23.08 34.80 -22.35
C ASN C 180 22.01 35.55 -23.17
N ALA C 181 21.03 34.82 -23.72
CA ALA C 181 19.94 35.40 -24.50
C ALA C 181 19.00 36.27 -23.67
N LEU C 182 18.95 36.00 -22.35
CA LEU C 182 18.17 36.79 -21.38
C LEU C 182 18.84 38.11 -20.99
N LYS C 183 18.01 39.10 -20.70
CA LYS C 183 18.42 40.40 -20.23
C LYS C 183 18.92 40.23 -18.77
N PRO C 184 19.58 41.26 -18.19
CA PRO C 184 20.20 41.07 -16.86
C PRO C 184 19.25 40.67 -15.70
N ASN C 185 17.99 41.05 -15.80
CA ASN C 185 16.99 40.56 -14.87
C ASN C 185 15.95 39.63 -15.52
N GLY C 186 16.36 38.93 -16.57
CA GLY C 186 15.46 37.99 -17.24
C GLY C 186 15.24 36.72 -16.43
N TYR C 187 14.20 35.99 -16.84
CA TYR C 187 13.78 34.76 -16.18
C TYR C 187 13.56 33.71 -17.27
N CYS C 188 13.84 32.46 -16.95
CA CYS C 188 13.52 31.33 -17.82
C CYS C 188 12.75 30.27 -17.05
N VAL C 189 11.71 29.72 -17.67
CA VAL C 189 11.08 28.50 -17.16
C VAL C 189 11.15 27.42 -18.23
N ALA C 190 11.24 26.16 -17.80
CA ALA C 190 11.34 25.02 -18.70
C ALA C 190 10.57 23.84 -18.15
N GLN C 191 9.92 23.13 -19.04
CA GLN C 191 9.38 21.84 -18.73
C GLN C 191 10.47 20.92 -18.10
N CYS C 192 10.14 20.33 -16.97
CA CYS C 192 11.14 19.57 -16.25
C CYS C 192 10.55 18.38 -15.52
N GLU C 193 9.64 17.71 -16.21
CA GLU C 193 9.33 16.28 -15.95
C GLU C 193 8.60 16.00 -14.64
N SER C 194 8.44 14.71 -14.30
CA SER C 194 7.59 14.33 -13.18
C SER C 194 8.41 14.05 -11.92
N LEU C 195 8.04 14.70 -10.80
CA LEU C 195 8.74 14.43 -9.53
C LEU C 195 8.61 12.97 -9.03
N TRP C 196 7.62 12.22 -9.56
CA TRP C 196 7.41 10.83 -9.16
C TRP C 196 8.35 9.81 -9.81
N ILE C 197 8.86 10.10 -11.00
CA ILE C 197 9.69 9.13 -11.70
C ILE C 197 10.98 9.70 -12.27
N HIS C 198 11.09 11.01 -12.36
CA HIS C 198 12.23 11.61 -13.04
C HIS C 198 13.15 12.42 -12.12
N VAL C 199 13.34 11.98 -10.88
CA VAL C 199 14.14 12.78 -9.94
C VAL C 199 15.59 12.99 -10.41
N GLY C 200 16.15 11.98 -11.05
CA GLY C 200 17.47 12.08 -11.66
C GLY C 200 17.60 13.16 -12.69
N THR C 201 16.63 13.26 -13.62
CA THR C 201 16.58 14.36 -14.58
C THR C 201 16.39 15.70 -13.89
N ILE C 202 15.50 15.76 -12.90
CA ILE C 202 15.23 16.99 -12.17
C ILE C 202 16.51 17.52 -11.51
N LYS C 203 17.26 16.63 -10.87
CA LYS C 203 18.52 17.02 -10.19
C LYS C 203 19.58 17.51 -11.18
N ASN C 204 19.69 16.82 -12.31
CA ASN C 204 20.57 17.22 -13.40
C ASN C 204 20.26 18.64 -13.86
N MET C 205 18.97 18.90 -14.10
CA MET C 205 18.56 20.14 -14.75
C MET C 205 18.69 21.31 -13.79
N ILE C 206 18.28 21.09 -12.54
CA ILE C 206 18.55 22.07 -11.47
C ILE C 206 20.06 22.36 -11.35
N GLY C 207 20.87 21.29 -11.37
CA GLY C 207 22.33 21.39 -11.40
C GLY C 207 22.87 22.30 -12.47
N TYR C 208 22.37 22.16 -13.70
CA TYR C 208 22.83 22.98 -14.82
C TYR C 208 22.44 24.43 -14.64
N ALA C 209 21.21 24.62 -14.17
CA ALA C 209 20.67 25.96 -14.05
C ALA C 209 21.39 26.70 -12.93
N LYS C 210 21.75 25.96 -11.88
CA LYS C 210 22.41 26.51 -10.69
C LYS C 210 23.85 26.97 -10.96
N LYS C 211 24.47 26.45 -12.02
CA LYS C 211 25.80 26.92 -12.41
C LYS C 211 25.78 28.33 -12.96
N LEU C 212 24.59 28.81 -13.30
CA LEU C 212 24.45 30.08 -14.03
C LEU C 212 23.56 31.07 -13.30
N PHE C 213 22.41 30.59 -12.84
CA PHE C 213 21.37 31.45 -12.29
C PHE C 213 21.51 31.56 -10.78
N LYS C 214 21.32 32.76 -10.27
CA LYS C 214 21.40 33.04 -8.84
C LYS C 214 20.36 32.18 -8.07
N LYS C 215 19.12 32.17 -8.54
CA LYS C 215 18.03 31.50 -7.88
C LYS C 215 17.39 30.46 -8.83
N VAL C 216 17.32 29.22 -8.38
CA VAL C 216 16.73 28.11 -9.13
C VAL C 216 15.75 27.36 -8.22
N GLU C 217 14.51 27.29 -8.70
CA GLU C 217 13.37 26.76 -7.98
C GLU C 217 12.64 25.75 -8.89
N TYR C 218 11.63 25.09 -8.35
CA TYR C 218 10.94 24.00 -9.08
C TYR C 218 9.48 23.97 -8.64
N ALA C 219 8.57 24.01 -9.62
CA ALA C 219 7.14 24.01 -9.35
C ALA C 219 6.49 22.81 -10.03
N ASN C 220 5.38 22.36 -9.45
CA ASN C 220 4.66 21.19 -9.93
C ASN C 220 3.26 21.57 -10.40
N ILE C 221 2.85 20.97 -11.50
CA ILE C 221 1.53 21.14 -12.13
C ILE C 221 0.75 19.82 -12.10
N SER C 222 -0.51 19.87 -11.68
CA SER C 222 -1.41 18.75 -11.74
C SER C 222 -1.96 18.73 -13.17
N ILE C 223 -1.66 17.67 -13.91
CA ILE C 223 -2.20 17.49 -15.28
C ILE C 223 -2.27 15.98 -15.54
N PRO C 224 -3.50 15.41 -15.68
CA PRO C 224 -3.66 13.93 -15.67
C PRO C 224 -3.03 13.19 -16.83
N THR C 225 -2.87 13.85 -17.97
CA THR C 225 -2.43 13.16 -19.21
C THR C 225 -0.94 13.29 -19.47
N TYR C 226 -0.20 13.80 -18.49
CA TYR C 226 1.25 13.53 -18.48
C TYR C 226 1.55 12.40 -17.50
N PRO C 227 2.62 11.63 -17.75
CA PRO C 227 2.90 10.48 -16.90
C PRO C 227 3.00 10.90 -15.42
N CYS C 228 2.35 10.11 -14.56
CA CYS C 228 2.26 10.34 -13.10
C CYS C 228 1.27 11.45 -12.68
N GLY C 229 0.66 12.08 -13.68
CA GLY C 229 -0.42 13.01 -13.47
C GLY C 229 0.09 14.39 -13.09
N CYS C 230 1.36 14.63 -13.37
CA CYS C 230 2.02 15.87 -13.00
C CYS C 230 3.28 16.10 -13.81
N ILE C 231 3.64 17.37 -13.94
CA ILE C 231 4.89 17.71 -14.56
C ILE C 231 5.45 18.96 -13.88
N GLY C 232 6.75 19.11 -13.91
CA GLY C 232 7.39 20.22 -13.20
C GLY C 232 7.86 21.34 -14.09
N ILE C 233 8.10 22.48 -13.45
CA ILE C 233 8.67 23.65 -14.09
C ILE C 233 10.00 23.95 -13.43
N LEU C 234 11.08 23.85 -14.21
CA LEU C 234 12.36 24.41 -13.81
C LEU C 234 12.32 25.94 -13.94
N CYS C 235 12.60 26.63 -12.83
CA CYS C 235 12.39 28.06 -12.75
C CYS C 235 13.71 28.75 -12.46
N CYS C 236 14.12 29.64 -13.37
CA CYS C 236 15.47 30.18 -13.37
C CYS C 236 15.43 31.70 -13.30
N SER C 237 16.01 32.23 -12.23
CA SER C 237 16.02 33.68 -11.97
C SER C 237 17.44 34.20 -11.81
N LYS C 238 17.71 35.38 -12.36
CA LYS C 238 19.02 36.00 -12.25
C LYS C 238 19.08 36.86 -11.00
N THR C 239 17.91 37.16 -10.43
CA THR C 239 17.81 37.85 -9.13
C THR C 239 17.63 36.83 -8.01
N ASP C 240 18.01 37.18 -6.78
CA ASP C 240 17.85 36.22 -5.66
C ASP C 240 16.41 36.10 -5.15
N THR C 241 15.53 36.98 -5.63
CA THR C 241 14.12 36.95 -5.24
C THR C 241 13.31 35.78 -5.84
N GLY C 242 13.78 35.27 -6.98
CA GLY C 242 13.14 34.12 -7.62
C GLY C 242 11.74 34.29 -8.21
N LEU C 243 11.05 33.16 -8.34
CA LEU C 243 9.81 33.11 -9.12
C LEU C 243 8.55 32.73 -8.33
N THR C 244 8.67 32.55 -7.03
CA THR C 244 7.56 32.02 -6.23
C THR C 244 6.44 33.05 -5.95
N LYS C 245 6.77 34.33 -6.04
CA LYS C 245 5.88 35.41 -5.56
C LYS C 245 5.55 36.40 -6.68
N PRO C 246 4.28 36.40 -7.16
CA PRO C 246 3.88 37.29 -8.24
C PRO C 246 3.99 38.77 -7.88
N ASN C 247 4.37 39.56 -8.88
CA ASN C 247 4.43 41.02 -8.76
C ASN C 247 3.20 41.74 -9.29
N LYS C 248 2.31 40.94 -9.91
CA LYS C 248 1.04 41.42 -10.44
C LYS C 248 0.02 40.27 -10.30
N LYS C 249 -1.26 40.61 -10.43
CA LYS C 249 -2.32 39.59 -10.41
C LYS C 249 -3.08 39.67 -11.72
N LEU C 250 -3.59 38.54 -12.17
CA LEU C 250 -4.28 38.45 -13.45
C LEU C 250 -5.82 38.58 -13.30
N GLU C 251 -6.26 39.83 -13.18
CA GLU C 251 -7.61 40.20 -12.79
C GLU C 251 -8.43 40.90 -13.87
N SER C 252 -7.75 41.46 -14.87
CA SER C 252 -8.39 42.11 -16.00
C SER C 252 -9.08 41.10 -16.90
N LYS C 253 -9.92 41.57 -17.82
CA LYS C 253 -10.79 40.70 -18.61
C LYS C 253 -10.09 39.84 -19.64
N GLU C 254 -8.84 40.18 -19.95
CA GLU C 254 -8.04 39.37 -20.84
C GLU C 254 -7.72 38.00 -20.22
N PHE C 255 -7.79 37.93 -18.89
CA PHE C 255 -7.50 36.72 -18.12
C PHE C 255 -8.74 36.12 -17.46
N ALA C 256 -9.92 36.53 -17.93
CA ALA C 256 -11.20 36.01 -17.43
C ALA C 256 -11.37 34.51 -17.71
N ASP C 257 -10.73 34.03 -18.77
CA ASP C 257 -10.85 32.64 -19.19
C ASP C 257 -9.92 31.65 -18.49
N LEU C 258 -9.10 32.13 -17.55
CA LEU C 258 -8.17 31.25 -16.84
C LEU C 258 -8.87 30.15 -16.04
N LYS C 259 -8.40 28.92 -16.20
CA LYS C 259 -9.04 27.74 -15.63
C LYS C 259 -8.19 27.01 -14.59
N TYR C 260 -6.94 27.42 -14.43
CA TYR C 260 -6.06 26.78 -13.47
C TYR C 260 -5.35 27.82 -12.63
N TYR C 261 -4.55 28.67 -13.28
CA TYR C 261 -3.66 29.61 -12.59
C TYR C 261 -4.44 30.65 -11.80
N ASN C 262 -3.97 30.95 -10.58
CA ASN C 262 -4.36 32.16 -9.91
C ASN C 262 -3.28 32.62 -8.92
N TYR C 263 -3.51 33.75 -8.28
CA TYR C 263 -2.49 34.28 -7.39
C TYR C 263 -1.94 33.24 -6.40
N GLU C 264 -2.85 32.57 -5.69
CA GLU C 264 -2.48 31.61 -4.63
C GLU C 264 -1.87 30.32 -5.14
N ASN C 265 -2.40 29.84 -6.26
CA ASN C 265 -1.89 28.65 -6.95
C ASN C 265 -0.49 28.80 -7.51
N HIS C 266 -0.14 30.03 -7.88
CA HIS C 266 1.24 30.39 -8.21
C HIS C 266 2.22 29.93 -7.11
N SER C 267 2.05 30.45 -5.90
CA SER C 267 3.00 30.16 -4.82
CA SER C 267 3.01 30.16 -4.83
C SER C 267 2.89 28.74 -4.31
N ALA C 268 1.67 28.20 -4.29
CA ALA C 268 1.43 26.80 -3.82
C ALA C 268 2.11 25.72 -4.67
N ALA C 269 2.22 25.98 -5.96
CA ALA C 269 2.98 25.13 -6.92
C ALA C 269 4.42 24.79 -6.52
N PHE C 270 5.04 25.66 -5.71
CA PHE C 270 6.43 25.54 -5.30
C PHE C 270 6.57 24.87 -3.93
N LYS C 271 5.44 24.53 -3.34
CA LYS C 271 5.41 23.74 -2.11
C LYS C 271 5.47 22.25 -2.40
N LEU C 272 6.66 21.68 -2.35
CA LEU C 272 6.94 20.36 -2.91
C LEU C 272 6.92 19.30 -1.83
N PRO C 273 6.63 18.04 -2.21
CA PRO C 273 6.66 16.93 -1.25
C PRO C 273 7.99 16.80 -0.57
N ALA C 274 7.97 16.38 0.69
CA ALA C 274 9.18 16.28 1.51
C ALA C 274 10.30 15.51 0.81
N PHE C 275 9.99 14.37 0.18
CA PHE C 275 11.06 13.59 -0.44
C PHE C 275 11.82 14.35 -1.53
N LEU C 276 11.13 15.25 -2.23
CA LEU C 276 11.77 15.96 -3.35
C LEU C 276 12.68 17.06 -2.77
N LEU C 277 12.18 17.77 -1.78
CA LEU C 277 12.99 18.76 -1.05
C LEU C 277 14.33 18.18 -0.62
N LYS C 278 14.28 16.99 -0.01
CA LYS C 278 15.46 16.27 0.47
C LYS C 278 16.45 15.92 -0.68
N GLU C 279 15.92 15.52 -1.83
CA GLU C 279 16.75 15.27 -3.01
C GLU C 279 17.38 16.54 -3.56
N ILE C 280 16.59 17.61 -3.63
CA ILE C 280 17.05 18.92 -4.13
C ILE C 280 18.20 19.47 -3.24
N GLU C 281 18.15 19.14 -1.95
CA GLU C 281 19.21 19.51 -1.00
C GLU C 281 20.53 18.77 -1.26
N ASN C 282 20.44 17.67 -2.01
CA ASN C 282 21.62 16.89 -2.42
C ASN C 282 22.11 17.15 -3.85
N ILE C 283 21.78 18.31 -4.41
CA ILE C 283 22.29 18.70 -5.72
C ILE C 283 23.61 19.47 -5.60
N1 SPM D . 12.33 -31.80 19.09
C2 SPM D . 13.35 -32.11 18.06
C3 SPM D . 12.74 -32.36 16.65
C4 SPM D . 12.87 -31.09 15.78
N5 SPM D . 11.77 -30.83 14.81
C6 SPM D . 10.45 -30.77 15.47
C7 SPM D . 9.51 -29.80 14.75
C8 SPM D . 8.18 -29.75 15.51
C9 SPM D . 7.19 -28.76 14.88
N10 SPM D . 5.81 -29.16 15.24
C11 SPM D . 4.82 -28.19 14.77
C12 SPM D . 4.58 -28.29 13.26
C13 SPM D . 3.45 -29.28 12.91
N14 SPM D . 2.13 -28.73 13.25
CS MTA E . 3.84 -24.60 13.07
S5' MTA E . 2.95 -25.25 14.44
C5' MTA E . 3.95 -24.83 15.83
C4' MTA E . 3.59 -23.44 16.32
O4' MTA E . 3.99 -23.23 17.69
C2' MTA E . 4.80 -21.38 16.65
O2' MTA E . 4.60 -20.00 16.29
C3' MTA E . 4.32 -22.33 15.57
O3' MTA E . 3.43 -21.66 14.69
C1' MTA E . 3.97 -21.83 17.84
N9 MTA E . 4.51 -21.40 19.15
C8 MTA E . 5.79 -21.37 19.54
N7 MTA E . 5.90 -20.89 20.81
C5 MTA E . 4.64 -20.61 21.25
C6 MTA E . 4.01 -20.08 22.48
N6 MTA E . 4.76 -19.74 23.57
N1 MTA E . 2.66 -19.96 22.47
C2 MTA E . 1.89 -20.28 21.41
N3 MTA E . 2.40 -20.76 20.26
C4 MTA E . 3.73 -20.95 20.13
N1 SPM F . -12.48 7.98 -6.44
C2 SPM F . -11.76 8.05 -7.74
C3 SPM F . -10.72 6.93 -7.89
C4 SPM F . -9.96 6.59 -6.58
N5 SPM F . -9.29 5.28 -6.66
C6 SPM F . -9.45 4.50 -5.43
C7 SPM F . -8.77 5.12 -4.23
C8 SPM F . -9.41 4.58 -2.96
C9 SPM F . -8.45 3.75 -2.16
N10 SPM F . -8.41 4.27 -0.77
C11 SPM F . -8.10 3.13 0.10
C12 SPM F . -6.74 2.51 -0.22
C13 SPM F . -5.53 3.16 0.49
N14 SPM F . -5.51 2.87 1.94
CS MTA G . -7.61 -0.92 1.26
S5' MTA G . -8.26 0.40 2.22
C5' MTA G . -9.97 0.56 1.76
C4' MTA G . -10.82 -0.40 2.59
O4' MTA G . -12.15 0.07 2.81
C2' MTA G . -12.41 -2.14 2.10
O2' MTA G . -12.61 -3.47 2.58
C3' MTA G . -10.95 -1.80 1.96
O3' MTA G . -10.16 -2.75 2.67
C1' MTA G . -12.87 -1.11 3.12
N9 MTA G . -14.34 -0.92 3.08
C8 MTA G . -15.09 -0.88 1.96
N7 MTA G . -16.38 -0.70 2.30
C5 MTA G . -16.45 -0.64 3.64
C6 MTA G . -17.52 -0.46 4.65
N6 MTA G . -18.81 -0.33 4.26
N1 MTA G . -17.17 -0.46 5.95
C2 MTA G . -15.89 -0.61 6.36
N3 MTA G . -14.87 -0.76 5.50
C4 MTA G . -15.09 -0.80 4.15
N1 SPM H . 4.88 13.80 -16.46
C2 SPM H . 5.68 14.26 -17.63
C3 SPM H . 6.56 13.16 -18.31
C4 SPM H . 7.04 13.64 -19.73
N5 SPM H . 6.03 13.66 -20.87
C6 SPM H . 5.51 15.04 -21.04
C7 SPM H . 5.94 15.75 -22.31
C8 SPM H . 5.57 17.24 -22.22
C9 SPM H . 5.51 17.92 -23.60
N10 SPM H . 5.29 19.38 -23.44
C11 SPM H . 5.09 20.02 -24.77
C12 SPM H . 3.63 19.95 -25.29
C13 SPM H . 2.68 21.01 -24.72
N14 SPM H . 2.78 22.28 -25.46
CS MTA I . 4.30 20.07 -29.10
S5' MTA I . 5.13 21.30 -28.08
C5' MTA I . 6.77 20.68 -27.98
C4' MTA I . 7.57 21.09 -29.21
O4' MTA I . 8.96 21.19 -28.89
C2' MTA I . 8.90 19.75 -30.75
O2' MTA I . 9.05 19.64 -32.19
C3' MTA I . 7.46 20.05 -30.33
O3' MTA I . 6.64 20.56 -31.40
C1' MTA I . 9.62 20.94 -30.13
N9 MTA I . 11.06 20.75 -30.03
C8 MTA I . 11.68 19.60 -29.75
N7 MTA I . 13.01 19.80 -29.82
C5 MTA I . 13.24 21.08 -30.17
C6 MTA I . 14.44 21.91 -30.41
N6 MTA I . 15.67 21.38 -30.30
N1 MTA I . 14.24 23.18 -30.77
C2 MTA I . 13.01 23.72 -30.90
N3 MTA I . 11.88 23.01 -30.69
C4 MTA I . 11.94 21.70 -30.32
#